data_6G1U
#
_entry.id   6G1U
#
_cell.length_a   91.431
_cell.length_b   106.600
_cell.length_c   150.533
_cell.angle_alpha   90.00
_cell.angle_beta   90.00
_cell.angle_gamma   90.00
#
_symmetry.space_group_name_H-M   'P 21 21 21'
#
loop_
_entity.id
_entity.type
_entity.pdbx_description
1 polymer Acetylcholinesterase
2 non-polymer 2-acetamido-2-deoxy-beta-D-glucopyranose
3 non-polymer DI(HYDROXYETHYL)ETHER
4 non-polymer 6-chloranyl-10-methyl-1,2,3,4-tetrahydroacridin-10-ium-9-amine
5 non-polymer 'CHLORIDE ION'
6 water water
#
_entity_poly.entity_id   1
_entity_poly.type   'polypeptide(L)'
_entity_poly.pdbx_seq_one_letter_code
;DDHSELLVNTKSGKVMGTRVPVLSSHISAFLGIPFAEPPVGNMRFRRPEPKKPWSGVWNASTYPNNCQQYVDEQFPGFSG
SEMWNPNREMSEDCLYLNIWVPSPRPKSTTVMVWIYGGGFYSGSSTLDVYNGKYLAYTEEVVLVSLSYRVGAFGFLALHG
SQEAPGNVGLLDQRMALQWVHDNIQFFGGDPKTVTIFGESAGGASVGMHILSPGSRDLFRRAILQSGSPNCPWASVSVAE
GRRRAVELGRNLNCNLNSDEELIHCLREKKPQELIDVEWNVLPFDSIFRFSFVPVIDGEFFPTSLESMLNSGNFKKTQIL
LGVNKDEGSFFLLYGAPGFSKDSESKISREDFMSGVKLSVPHANDLGLDAVTLQYTDWMDDNNGIKNRDGLDDIVGDHNV
ICPLMHFVNKYTKFGNGTYLYFFNHRASNLVWPEWMGVIHGYEIEFVFGLPLVKELNYTAEEEALSRRIMHYWATFAKTG
NPNEPHSQESKWPLFTTKEQKFIDLNTEPMKVHQRLRVQMCVFWNQFLPKLLNATACDGELSSSGTSSSKGIIFYVLFSI
LYLIF
;
_entity_poly.pdbx_strand_id   A,B
#
# COMPACT_ATOMS: atom_id res chain seq x y z
N SER A 4 -1.73 7.42 26.34
CA SER A 4 -2.33 8.76 26.38
C SER A 4 -3.37 8.89 25.27
N GLU A 5 -2.91 8.84 24.03
CA GLU A 5 -3.84 8.69 22.91
C GLU A 5 -4.58 7.37 23.01
N LEU A 6 -3.92 6.32 23.51
CA LEU A 6 -4.49 5.01 23.67
C LEU A 6 -5.12 4.78 25.03
N LEU A 7 -4.98 5.72 25.95
CA LEU A 7 -5.47 5.57 27.31
C LEU A 7 -6.65 6.51 27.49
N VAL A 8 -7.86 5.96 27.58
CA VAL A 8 -9.07 6.77 27.59
C VAL A 8 -9.88 6.44 28.83
N ASN A 9 -10.31 7.47 29.56
CA ASN A 9 -11.17 7.30 30.70
CA ASN A 9 -11.17 7.31 30.71
C ASN A 9 -12.63 7.47 30.28
N THR A 10 -13.41 6.41 30.41
CA THR A 10 -14.82 6.44 30.07
C THR A 10 -15.64 6.54 31.36
N LYS A 11 -16.96 6.64 31.20
CA LYS A 11 -17.82 6.80 32.37
C LYS A 11 -17.78 5.57 33.29
N SER A 12 -17.46 4.39 32.78
CA SER A 12 -17.37 3.21 33.63
C SER A 12 -15.95 2.77 33.92
N GLY A 13 -14.93 3.50 33.45
CA GLY A 13 -13.58 3.13 33.80
C GLY A 13 -12.58 3.35 32.70
N LYS A 14 -11.31 3.13 33.00
CA LYS A 14 -10.25 3.36 32.02
C LYS A 14 -10.14 2.20 31.05
N VAL A 15 -9.82 2.52 29.80
CA VAL A 15 -9.60 1.56 28.74
CA VAL A 15 -9.58 1.54 28.75
C VAL A 15 -8.27 1.89 28.07
N MET A 16 -7.50 0.87 27.72
CA MET A 16 -6.24 1.04 27.00
C MET A 16 -6.35 0.37 25.64
N GLY A 17 -6.31 1.16 24.56
CA GLY A 17 -6.35 0.63 23.21
C GLY A 17 -4.97 0.23 22.72
N THR A 18 -4.87 0.04 21.41
CA THR A 18 -3.65 -0.39 20.75
C THR A 18 -3.46 0.37 19.45
N ARG A 19 -2.20 0.60 19.07
CA ARG A 19 -1.88 1.29 17.83
CA ARG A 19 -1.86 1.29 17.83
C ARG A 19 -1.73 0.26 16.72
N VAL A 20 -2.57 0.35 15.70
CA VAL A 20 -2.57 -0.70 14.67
C VAL A 20 -2.17 -0.12 13.31
N PRO A 21 -1.45 -0.88 12.50
CA PRO A 21 -1.11 -0.39 11.17
C PRO A 21 -2.33 -0.40 10.25
N VAL A 22 -2.35 0.55 9.33
CA VAL A 22 -3.37 0.60 8.29
C VAL A 22 -2.80 1.34 7.09
N LEU A 23 -2.64 0.62 5.98
CA LEU A 23 -2.24 1.21 4.70
C LEU A 23 -1.11 2.21 4.84
N SER A 24 0.05 1.70 5.26
CA SER A 24 1.29 2.47 5.43
C SER A 24 1.21 3.50 6.54
N SER A 25 0.07 3.64 7.23
CA SER A 25 -0.07 4.56 8.34
C SER A 25 -0.50 3.80 9.59
N HIS A 26 -1.03 4.50 10.59
CA HIS A 26 -1.45 3.86 11.82
C HIS A 26 -2.71 4.54 12.35
N ILE A 27 -3.45 3.79 13.16
CA ILE A 27 -4.69 4.25 13.73
C ILE A 27 -4.83 3.64 15.11
N SER A 28 -5.71 4.19 15.94
CA SER A 28 -5.97 3.67 17.28
C SER A 28 -7.16 2.72 17.27
N ALA A 29 -7.02 1.59 17.95
CA ALA A 29 -8.10 0.63 18.06
C ALA A 29 -8.35 0.29 19.52
N PHE A 30 -9.62 0.28 19.91
CA PHE A 30 -10.05 -0.12 21.24
C PHE A 30 -10.98 -1.30 21.04
N LEU A 31 -10.49 -2.49 21.31
CA LEU A 31 -11.17 -3.73 21.00
C LEU A 31 -11.73 -4.35 22.27
N GLY A 32 -12.99 -4.74 22.22
CA GLY A 32 -13.58 -5.52 23.30
C GLY A 32 -13.96 -4.71 24.52
N ILE A 33 -14.47 -3.50 24.34
CA ILE A 33 -14.92 -2.69 25.46
C ILE A 33 -16.28 -3.20 25.93
N PRO A 34 -16.47 -3.49 27.21
CA PRO A 34 -17.76 -3.99 27.67
C PRO A 34 -18.78 -2.87 27.80
N PHE A 35 -20.00 -3.12 27.31
CA PHE A 35 -21.05 -2.12 27.46
C PHE A 35 -22.25 -2.63 28.25
N ALA A 36 -22.25 -3.89 28.66
CA ALA A 36 -23.32 -4.44 29.47
C ALA A 36 -22.73 -5.43 30.46
N GLU A 37 -23.49 -5.72 31.50
CA GLU A 37 -23.14 -6.84 32.37
C GLU A 37 -23.25 -8.13 31.56
N PRO A 38 -22.34 -9.09 31.77
CA PRO A 38 -22.44 -10.39 31.07
C PRO A 38 -23.82 -11.01 31.28
N PRO A 39 -24.56 -11.28 30.21
CA PRO A 39 -25.91 -11.84 30.37
C PRO A 39 -25.88 -13.34 30.57
N VAL A 40 -25.26 -13.78 31.67
CA VAL A 40 -25.00 -15.19 31.90
C VAL A 40 -25.80 -15.65 33.12
N GLY A 41 -25.96 -16.97 33.22
CA GLY A 41 -26.65 -17.56 34.37
C GLY A 41 -28.10 -17.13 34.44
N ASN A 42 -28.50 -16.59 35.59
CA ASN A 42 -29.87 -16.12 35.74
C ASN A 42 -30.20 -14.95 34.83
N MET A 43 -29.21 -14.33 34.19
CA MET A 43 -29.48 -13.22 33.31
CA MET A 43 -29.45 -13.21 33.30
C MET A 43 -29.66 -13.65 31.86
N ARG A 44 -29.55 -14.93 31.56
CA ARG A 44 -29.89 -15.41 30.23
C ARG A 44 -31.35 -15.09 29.93
N PHE A 45 -31.60 -14.52 28.76
CA PHE A 45 -32.89 -14.11 28.21
C PHE A 45 -33.36 -12.78 28.78
N ARG A 46 -32.68 -12.23 29.78
CA ARG A 46 -33.13 -10.99 30.40
CA ARG A 46 -33.15 -10.99 30.39
C ARG A 46 -32.66 -9.78 29.60
N ARG A 47 -33.35 -8.66 29.78
CA ARG A 47 -32.87 -7.40 29.24
C ARG A 47 -31.44 -7.16 29.71
N PRO A 48 -30.61 -6.50 28.92
CA PRO A 48 -29.25 -6.18 29.40
C PRO A 48 -29.29 -5.17 30.53
N GLU A 49 -28.28 -5.23 31.37
CA GLU A 49 -28.02 -4.25 32.41
C GLU A 49 -26.71 -3.52 32.10
N PRO A 50 -26.60 -2.22 32.42
CA PRO A 50 -25.36 -1.50 32.12
C PRO A 50 -24.17 -2.14 32.80
N LYS A 51 -23.02 -2.05 32.16
CA LYS A 51 -21.80 -2.58 32.72
C LYS A 51 -21.45 -1.81 33.98
N LYS A 52 -21.20 -2.54 35.06
CA LYS A 52 -20.82 -1.86 36.31
C LYS A 52 -19.39 -1.33 36.18
N PRO A 53 -19.11 -0.15 36.73
CA PRO A 53 -17.76 0.41 36.62
C PRO A 53 -16.71 -0.51 37.17
N TRP A 54 -15.53 -0.45 36.57
CA TRP A 54 -14.40 -1.26 36.97
C TRP A 54 -13.25 -0.35 37.39
N SER A 55 -12.44 -0.84 38.31
CA SER A 55 -11.20 -0.16 38.64
C SER A 55 -10.06 -0.71 37.77
N GLY A 56 -8.99 0.06 37.69
CA GLY A 56 -7.90 -0.33 36.84
C GLY A 56 -8.19 -0.04 35.38
N VAL A 57 -7.32 -0.59 34.53
CA VAL A 57 -7.32 -0.29 33.10
C VAL A 57 -7.83 -1.53 32.36
N TRP A 58 -8.96 -1.39 31.68
CA TRP A 58 -9.44 -2.47 30.84
C TRP A 58 -8.52 -2.62 29.63
N ASN A 59 -7.98 -3.82 29.45
CA ASN A 59 -7.13 -4.12 28.31
C ASN A 59 -8.03 -4.25 27.08
N ALA A 60 -8.02 -3.22 26.23
CA ALA A 60 -8.82 -3.20 25.01
C ALA A 60 -7.95 -3.42 23.78
N SER A 61 -7.02 -4.35 23.86
CA SER A 61 -6.06 -4.58 22.79
C SER A 61 -6.43 -5.76 21.90
N THR A 62 -7.40 -6.58 22.30
CA THR A 62 -7.75 -7.78 21.53
C THR A 62 -9.26 -7.90 21.40
N TYR A 63 -9.69 -8.56 20.32
CA TYR A 63 -11.11 -8.75 20.08
C TYR A 63 -11.77 -9.53 21.22
N PRO A 64 -13.04 -9.27 21.50
CA PRO A 64 -13.78 -10.05 22.49
C PRO A 64 -14.23 -11.41 21.94
N ASN A 65 -14.79 -12.22 22.84
CA ASN A 65 -15.54 -13.40 22.44
C ASN A 65 -16.69 -13.02 21.51
N ASN A 66 -17.15 -13.99 20.72
CA ASN A 66 -18.37 -13.85 19.93
C ASN A 66 -19.54 -14.44 20.71
N CYS A 67 -20.76 -14.01 20.37
CA CYS A 67 -21.92 -14.58 21.04
C CYS A 67 -22.18 -16.01 20.58
N GLN A 68 -22.85 -16.78 21.43
CA GLN A 68 -23.16 -18.17 21.12
C GLN A 68 -24.10 -18.25 19.93
N GLN A 69 -23.76 -19.10 18.97
CA GLN A 69 -24.54 -19.17 17.73
C GLN A 69 -24.28 -20.48 17.00
N TYR A 70 -25.27 -20.85 16.19
CA TYR A 70 -25.08 -21.86 15.16
C TYR A 70 -23.86 -21.53 14.31
N VAL A 71 -22.99 -22.52 14.09
CA VAL A 71 -21.81 -22.34 13.25
C VAL A 71 -22.00 -23.12 11.96
N ASP A 72 -21.79 -22.45 10.82
CA ASP A 72 -22.03 -23.05 9.50
C ASP A 72 -20.87 -23.97 9.16
N GLU A 73 -21.15 -25.27 9.05
CA GLU A 73 -20.15 -26.25 8.66
CA GLU A 73 -20.11 -26.19 8.62
C GLU A 73 -20.48 -26.89 7.32
N GLN A 74 -21.28 -26.22 6.49
CA GLN A 74 -21.66 -26.81 5.21
C GLN A 74 -20.45 -27.05 4.33
N PHE A 75 -19.52 -26.09 4.29
CA PHE A 75 -18.33 -26.13 3.44
C PHE A 75 -17.10 -25.95 4.31
N PRO A 76 -16.67 -27.01 5.00
CA PRO A 76 -15.55 -26.86 5.95
C PRO A 76 -14.30 -26.35 5.27
N GLY A 77 -13.71 -25.30 5.85
CA GLY A 77 -12.48 -24.74 5.33
C GLY A 77 -12.64 -23.78 4.17
N PHE A 78 -13.86 -23.64 3.63
CA PHE A 78 -14.08 -22.80 2.46
C PHE A 78 -14.23 -21.35 2.90
N SER A 79 -13.39 -20.46 2.36
CA SER A 79 -13.37 -19.09 2.86
C SER A 79 -14.69 -18.38 2.66
N GLY A 80 -15.43 -18.71 1.61
CA GLY A 80 -16.66 -17.99 1.31
C GLY A 80 -17.71 -18.14 2.40
N SER A 81 -17.73 -19.29 3.07
CA SER A 81 -18.63 -19.53 4.19
C SER A 81 -17.95 -19.27 5.53
N GLU A 82 -16.68 -19.64 5.66
CA GLU A 82 -15.98 -19.47 6.94
C GLU A 82 -15.76 -18.00 7.29
N MET A 83 -15.71 -17.10 6.30
CA MET A 83 -15.53 -15.68 6.57
C MET A 83 -16.65 -15.09 7.41
N TRP A 84 -17.78 -15.79 7.54
CA TRP A 84 -18.91 -15.30 8.30
C TRP A 84 -19.02 -15.98 9.67
N ASN A 85 -18.29 -17.05 9.89
CA ASN A 85 -18.36 -17.78 11.13
C ASN A 85 -17.59 -17.04 12.22
N PRO A 86 -17.90 -17.31 13.49
CA PRO A 86 -17.11 -16.72 14.58
C PRO A 86 -15.62 -17.03 14.40
N ASN A 87 -14.79 -16.01 14.58
CA ASN A 87 -13.36 -16.19 14.53
C ASN A 87 -12.74 -16.04 15.90
N ARG A 88 -13.56 -15.97 16.94
CA ARG A 88 -13.12 -15.94 18.32
CA ARG A 88 -13.14 -15.93 18.33
C ARG A 88 -13.90 -17.01 19.07
N GLU A 89 -13.49 -17.28 20.31
CA GLU A 89 -14.26 -18.24 21.10
C GLU A 89 -15.66 -17.70 21.32
N MET A 90 -16.64 -18.59 21.31
CA MET A 90 -18.01 -18.21 21.60
C MET A 90 -18.26 -18.25 23.10
N SER A 91 -19.03 -17.29 23.58
CA SER A 91 -19.37 -17.22 24.99
C SER A 91 -20.67 -16.44 25.12
N GLU A 92 -21.48 -16.78 26.12
CA GLU A 92 -22.58 -15.90 26.47
C GLU A 92 -22.09 -14.57 27.00
N ASP A 93 -20.85 -14.52 27.48
CA ASP A 93 -20.21 -13.28 27.87
C ASP A 93 -19.65 -12.62 26.60
N CYS A 94 -20.52 -11.90 25.88
CA CYS A 94 -20.16 -11.41 24.55
C CYS A 94 -20.62 -9.99 24.27
N LEU A 95 -21.05 -9.21 25.26
CA LEU A 95 -21.61 -7.89 24.98
C LEU A 95 -20.50 -6.86 25.05
N TYR A 96 -19.80 -6.71 23.93
CA TYR A 96 -18.65 -5.82 23.84
C TYR A 96 -18.72 -5.01 22.56
N LEU A 97 -17.99 -3.90 22.52
CA LEU A 97 -17.92 -3.13 21.28
C LEU A 97 -16.48 -2.78 20.98
N ASN A 98 -16.21 -2.45 19.72
CA ASN A 98 -14.88 -2.13 19.21
C ASN A 98 -14.91 -0.76 18.59
N ILE A 99 -13.82 0.01 18.73
CA ILE A 99 -13.75 1.38 18.24
C ILE A 99 -12.43 1.57 17.51
N TRP A 100 -12.50 2.11 16.29
CA TRP A 100 -11.33 2.59 15.58
C TRP A 100 -11.37 4.12 15.54
N VAL A 101 -10.27 4.74 15.94
CA VAL A 101 -10.19 6.20 16.10
C VAL A 101 -9.03 6.69 15.26
N PRO A 102 -9.23 7.66 14.38
CA PRO A 102 -8.10 8.22 13.62
C PRO A 102 -7.01 8.74 14.54
N SER A 103 -5.77 8.69 14.04
CA SER A 103 -4.61 9.20 14.78
C SER A 103 -3.90 10.28 13.97
N PRO A 104 -3.78 11.49 14.54
CA PRO A 104 -4.14 11.86 15.90
C PRO A 104 -5.65 11.94 16.14
N ARG A 105 -6.07 11.83 17.40
CA ARG A 105 -7.48 11.78 17.71
C ARG A 105 -8.16 13.08 17.30
N PRO A 106 -9.25 13.04 16.56
CA PRO A 106 -9.95 14.27 16.18
C PRO A 106 -10.69 14.88 17.36
N LYS A 107 -11.15 16.11 17.16
CA LYS A 107 -11.81 16.85 18.23
C LYS A 107 -13.22 16.33 18.47
N SER A 108 -14.06 16.36 17.44
CA SER A 108 -15.39 15.75 17.55
C SER A 108 -15.83 15.42 16.11
N THR A 109 -15.56 14.20 15.69
CA THR A 109 -15.84 13.83 14.31
C THR A 109 -17.06 12.92 14.24
N THR A 110 -17.53 12.72 13.01
CA THR A 110 -18.67 11.85 12.74
C THR A 110 -18.41 10.44 13.22
N VAL A 111 -19.43 9.83 13.81
CA VAL A 111 -19.39 8.46 14.32
C VAL A 111 -20.25 7.58 13.42
N MET A 112 -19.74 6.39 13.09
CA MET A 112 -20.51 5.36 12.41
C MET A 112 -20.49 4.08 13.23
N VAL A 113 -21.66 3.52 13.49
CA VAL A 113 -21.82 2.36 14.36
C VAL A 113 -22.36 1.21 13.52
N TRP A 114 -21.55 0.15 13.37
CA TRP A 114 -21.90 -1.00 12.55
C TRP A 114 -22.68 -2.02 13.36
N ILE A 115 -23.79 -2.49 12.82
CA ILE A 115 -24.61 -3.54 13.42
C ILE A 115 -24.57 -4.76 12.48
N TYR A 116 -23.93 -5.85 12.90
CA TYR A 116 -23.81 -6.99 12.01
C TYR A 116 -25.15 -7.68 11.75
N GLY A 117 -25.22 -8.37 10.60
CA GLY A 117 -26.33 -9.23 10.28
C GLY A 117 -26.01 -10.69 10.59
N GLY A 118 -26.85 -11.57 10.04
CA GLY A 118 -26.77 -12.98 10.37
C GLY A 118 -28.12 -13.56 10.74
N GLY A 119 -29.20 -13.01 10.19
CA GLY A 119 -30.51 -13.60 10.38
C GLY A 119 -31.04 -13.57 11.80
N PHE A 120 -30.43 -12.75 12.66
CA PHE A 120 -30.68 -12.72 14.10
C PHE A 120 -30.31 -14.02 14.81
N TYR A 121 -29.68 -14.97 14.12
CA TYR A 121 -29.24 -16.22 14.74
C TYR A 121 -27.73 -16.37 14.75
N SER A 122 -26.99 -15.41 14.19
CA SER A 122 -25.55 -15.55 14.04
C SER A 122 -24.99 -14.16 13.78
N GLY A 123 -23.67 -14.09 13.73
CA GLY A 123 -23.01 -12.84 13.43
C GLY A 123 -22.00 -12.49 14.51
N SER A 124 -20.99 -11.71 14.14
CA SER A 124 -19.90 -11.37 15.05
C SER A 124 -19.39 -9.99 14.69
N SER A 125 -18.99 -9.21 15.70
CA SER A 125 -18.41 -7.91 15.40
C SER A 125 -16.98 -8.01 14.92
N THR A 126 -16.37 -9.19 15.04
CA THR A 126 -14.93 -9.38 14.93
C THR A 126 -14.49 -9.94 13.59
N LEU A 127 -15.41 -10.13 12.65
CA LEU A 127 -15.06 -10.70 11.35
C LEU A 127 -14.03 -9.83 10.64
N ASP A 128 -13.17 -10.48 9.84
CA ASP A 128 -12.22 -9.73 9.02
C ASP A 128 -12.91 -8.69 8.14
N VAL A 129 -14.07 -9.03 7.61
CA VAL A 129 -14.72 -8.12 6.67
C VAL A 129 -15.36 -6.92 7.37
N TYR A 130 -15.44 -6.93 8.70
CA TYR A 130 -15.94 -5.78 9.46
C TYR A 130 -14.83 -4.98 10.11
N ASN A 131 -13.56 -5.25 9.77
CA ASN A 131 -12.44 -4.49 10.34
C ASN A 131 -12.59 -3.01 10.02
N GLY A 132 -12.84 -2.18 11.03
CA GLY A 132 -13.13 -0.78 10.80
C GLY A 132 -11.94 0.11 10.47
N LYS A 133 -10.72 -0.42 10.41
CA LYS A 133 -9.56 0.47 10.35
C LYS A 133 -9.46 1.20 9.02
N TYR A 134 -9.87 0.57 7.91
CA TYR A 134 -9.77 1.25 6.60
C TYR A 134 -10.78 2.37 6.49
N LEU A 135 -12.02 2.14 6.92
CA LEU A 135 -13.03 3.19 6.83
C LEU A 135 -12.71 4.34 7.77
N ALA A 136 -12.31 4.03 9.00
CA ALA A 136 -11.97 5.08 9.96
C ALA A 136 -10.78 5.89 9.47
N TYR A 137 -9.74 5.21 8.98
CA TYR A 137 -8.56 5.92 8.50
C TYR A 137 -8.87 6.75 7.27
N THR A 138 -9.46 6.13 6.24
CA THR A 138 -9.65 6.79 4.96
C THR A 138 -10.62 7.95 5.06
N GLU A 139 -11.71 7.78 5.81
CA GLU A 139 -12.74 8.80 5.86
C GLU A 139 -12.71 9.64 7.12
N GLU A 140 -11.74 9.40 8.02
CA GLU A 140 -11.60 10.22 9.23
C GLU A 140 -12.89 10.21 10.04
N VAL A 141 -13.42 9.02 10.27
CA VAL A 141 -14.58 8.85 11.13
C VAL A 141 -14.16 7.95 12.29
N VAL A 142 -14.91 8.06 13.38
CA VAL A 142 -14.79 7.10 14.48
C VAL A 142 -15.75 5.96 14.17
N LEU A 143 -15.21 4.77 14.00
CA LEU A 143 -15.97 3.58 13.59
C LEU A 143 -16.14 2.67 14.79
N VAL A 144 -17.39 2.42 15.17
CA VAL A 144 -17.74 1.51 16.25
C VAL A 144 -18.42 0.29 15.64
N SER A 145 -18.08 -0.91 16.12
CA SER A 145 -18.91 -2.08 15.85
C SER A 145 -19.42 -2.63 17.18
N LEU A 146 -20.74 -2.82 17.28
CA LEU A 146 -21.33 -3.33 18.50
C LEU A 146 -21.54 -4.83 18.37
N SER A 147 -22.07 -5.43 19.44
CA SER A 147 -22.47 -6.83 19.38
C SER A 147 -23.82 -6.94 20.06
N TYR A 148 -24.47 -8.07 19.86
CA TYR A 148 -25.77 -8.30 20.46
C TYR A 148 -26.06 -9.79 20.45
N ARG A 149 -26.79 -10.23 21.47
CA ARG A 149 -27.17 -11.63 21.57
C ARG A 149 -28.04 -12.03 20.37
N VAL A 150 -27.76 -13.21 19.82
CA VAL A 150 -28.51 -13.75 18.70
C VAL A 150 -29.15 -15.07 19.13
N GLY A 151 -30.01 -15.60 18.25
CA GLY A 151 -30.66 -16.86 18.54
C GLY A 151 -31.61 -16.73 19.73
N ALA A 152 -31.84 -17.88 20.39
CA ALA A 152 -32.69 -17.86 21.57
C ALA A 152 -32.16 -16.90 22.62
N PHE A 153 -30.83 -16.78 22.73
CA PHE A 153 -30.25 -15.95 23.78
C PHE A 153 -30.64 -14.50 23.64
N GLY A 154 -30.89 -14.07 22.41
CA GLY A 154 -31.25 -12.69 22.18
C GLY A 154 -32.71 -12.47 21.89
N PHE A 155 -33.45 -13.53 21.51
CA PHE A 155 -34.78 -13.29 20.97
C PHE A 155 -35.85 -14.30 21.40
N LEU A 156 -35.53 -15.23 22.30
CA LEU A 156 -36.58 -16.01 22.94
C LEU A 156 -37.60 -15.07 23.58
N ALA A 157 -38.87 -15.25 23.24
CA ALA A 157 -39.89 -14.27 23.60
C ALA A 157 -41.06 -14.96 24.28
N LEU A 158 -41.21 -14.72 25.58
CA LEU A 158 -42.37 -15.16 26.34
C LEU A 158 -43.06 -13.89 26.83
N HIS A 159 -43.81 -13.25 25.93
CA HIS A 159 -44.37 -11.93 26.21
C HIS A 159 -45.27 -11.97 27.43
N GLY A 160 -45.09 -10.97 28.30
CA GLY A 160 -45.69 -10.93 29.60
C GLY A 160 -44.72 -11.32 30.71
N SER A 161 -43.68 -12.08 30.37
CA SER A 161 -42.62 -12.37 31.32
C SER A 161 -41.58 -11.26 31.27
N GLN A 162 -41.14 -10.84 32.45
CA GLN A 162 -40.01 -9.93 32.52
C GLN A 162 -38.68 -10.67 32.55
N GLU A 163 -38.72 -12.00 32.66
CA GLU A 163 -37.51 -12.82 32.66
C GLU A 163 -37.06 -13.19 31.26
N ALA A 164 -37.99 -13.32 30.31
CA ALA A 164 -37.66 -13.56 28.91
C ALA A 164 -38.67 -12.81 28.05
N PRO A 165 -38.58 -11.47 28.02
CA PRO A 165 -39.63 -10.67 27.38
C PRO A 165 -39.57 -10.67 25.86
N GLY A 166 -38.46 -11.05 25.27
CA GLY A 166 -38.24 -10.89 23.86
C GLY A 166 -37.47 -9.62 23.55
N ASN A 167 -36.91 -9.56 22.35
CA ASN A 167 -36.21 -8.38 21.83
C ASN A 167 -34.96 -8.02 22.61
N VAL A 168 -34.42 -8.90 23.44
CA VAL A 168 -33.33 -8.41 24.29
C VAL A 168 -32.08 -8.18 23.45
N GLY A 169 -31.93 -8.88 22.32
CA GLY A 169 -30.83 -8.55 21.42
C GLY A 169 -30.94 -7.14 20.85
N LEU A 170 -32.17 -6.67 20.61
CA LEU A 170 -32.33 -5.30 20.16
C LEU A 170 -31.99 -4.32 21.28
N LEU A 171 -32.32 -4.69 22.52
CA LEU A 171 -31.96 -3.85 23.66
C LEU A 171 -30.45 -3.84 23.90
N ASP A 172 -29.77 -4.97 23.60
CA ASP A 172 -28.30 -4.95 23.59
C ASP A 172 -27.78 -3.90 22.63
N GLN A 173 -28.30 -3.90 21.40
CA GLN A 173 -27.86 -2.89 20.44
C GLN A 173 -28.12 -1.50 21.01
N ARG A 174 -29.30 -1.29 21.58
CA ARG A 174 -29.64 0.01 22.14
C ARG A 174 -28.70 0.39 23.28
N MET A 175 -28.32 -0.58 24.11
CA MET A 175 -27.42 -0.26 25.21
C MET A 175 -26.05 0.15 24.71
N ALA A 176 -25.58 -0.47 23.62
CA ALA A 176 -24.32 -0.05 23.02
C ALA A 176 -24.44 1.35 22.41
N LEU A 177 -25.57 1.65 21.77
CA LEU A 177 -25.82 3.01 21.28
C LEU A 177 -25.88 4.00 22.43
N GLN A 178 -26.48 3.59 23.55
CA GLN A 178 -26.47 4.46 24.74
C GLN A 178 -25.05 4.68 25.23
N TRP A 179 -24.23 3.63 25.20
CA TRP A 179 -22.84 3.76 25.60
C TRP A 179 -22.09 4.72 24.68
N VAL A 180 -22.31 4.61 23.37
CA VAL A 180 -21.71 5.54 22.42
C VAL A 180 -22.17 6.96 22.71
N HIS A 181 -23.47 7.14 22.95
CA HIS A 181 -24.00 8.46 23.28
C HIS A 181 -23.27 9.06 24.48
N ASP A 182 -22.97 8.22 25.48
CA ASP A 182 -22.41 8.70 26.74
C ASP A 182 -20.89 8.81 26.73
N ASN A 183 -20.21 8.11 25.83
CA ASN A 183 -18.77 7.96 25.94
C ASN A 183 -17.97 8.29 24.68
N ILE A 184 -18.58 8.35 23.50
CA ILE A 184 -17.78 8.50 22.29
C ILE A 184 -17.04 9.82 22.26
N GLN A 185 -17.53 10.83 22.99
CA GLN A 185 -16.81 12.11 23.06
C GLN A 185 -15.40 11.94 23.60
N PHE A 186 -15.16 10.92 24.45
CA PHE A 186 -13.83 10.74 25.00
C PHE A 186 -12.88 10.16 23.97
N PHE A 187 -13.41 9.66 22.85
CA PHE A 187 -12.62 9.09 21.77
C PHE A 187 -12.56 10.02 20.56
N GLY A 188 -13.01 11.26 20.71
CA GLY A 188 -13.00 12.18 19.59
C GLY A 188 -14.20 12.08 18.68
N GLY A 189 -15.28 11.45 19.13
CA GLY A 189 -16.49 11.31 18.34
C GLY A 189 -17.59 12.24 18.81
N ASP A 190 -18.39 12.73 17.86
CA ASP A 190 -19.50 13.61 18.17
C ASP A 190 -20.75 12.80 18.41
N PRO A 191 -21.25 12.70 19.65
CA PRO A 191 -22.47 11.93 19.91
C PRO A 191 -23.71 12.51 19.27
N LYS A 192 -23.65 13.73 18.73
CA LYS A 192 -24.78 14.29 18.00
C LYS A 192 -24.76 13.95 16.52
N THR A 193 -23.71 13.28 16.06
CA THR A 193 -23.58 12.94 14.64
C THR A 193 -23.20 11.46 14.52
N VAL A 194 -24.06 10.60 15.06
CA VAL A 194 -23.87 9.15 15.02
C VAL A 194 -24.75 8.59 13.91
N THR A 195 -24.14 7.84 12.99
CA THR A 195 -24.88 7.09 11.98
C THR A 195 -24.82 5.62 12.34
N ILE A 196 -25.98 4.97 12.42
CA ILE A 196 -26.02 3.51 12.56
C ILE A 196 -26.17 2.92 11.17
N PHE A 197 -25.41 1.86 10.90
CA PHE A 197 -25.51 1.18 9.63
C PHE A 197 -25.32 -0.31 9.86
N GLY A 198 -25.94 -1.11 9.00
CA GLY A 198 -25.87 -2.55 9.16
C GLY A 198 -26.41 -3.21 7.92
N GLU A 199 -26.10 -4.49 7.78
CA GLU A 199 -26.48 -5.26 6.61
C GLU A 199 -27.36 -6.45 7.02
N SER A 200 -28.35 -6.76 6.17
CA SER A 200 -29.27 -7.89 6.37
C SER A 200 -29.98 -7.73 7.72
N ALA A 201 -29.84 -8.68 8.66
CA ALA A 201 -30.45 -8.48 9.96
C ALA A 201 -29.98 -7.19 10.62
N GLY A 202 -28.75 -6.78 10.33
CA GLY A 202 -28.27 -5.49 10.83
C GLY A 202 -29.00 -4.32 10.21
N GLY A 203 -29.36 -4.43 8.92
CA GLY A 203 -30.15 -3.39 8.30
C GLY A 203 -31.58 -3.37 8.81
N ALA A 204 -32.20 -4.54 8.95
CA ALA A 204 -33.48 -4.62 9.64
C ALA A 204 -33.40 -3.97 11.03
N SER A 205 -32.33 -4.28 11.78
CA SER A 205 -32.14 -3.71 13.12
C SER A 205 -32.09 -2.19 13.05
N VAL A 206 -31.30 -1.65 12.12
CA VAL A 206 -31.23 -0.20 11.95
C VAL A 206 -32.63 0.36 11.73
N GLY A 207 -33.41 -0.26 10.85
CA GLY A 207 -34.77 0.18 10.65
C GLY A 207 -35.63 0.06 11.91
N MET A 208 -35.36 -0.95 12.73
CA MET A 208 -36.16 -1.12 13.95
C MET A 208 -35.85 -0.04 14.96
N HIS A 209 -34.60 0.44 14.99
CA HIS A 209 -34.28 1.56 15.87
C HIS A 209 -34.89 2.86 15.34
N ILE A 210 -35.00 2.99 14.02
CA ILE A 210 -35.74 4.12 13.45
C ILE A 210 -37.17 4.10 13.95
N LEU A 211 -37.79 2.92 14.00
CA LEU A 211 -39.17 2.81 14.44
C LEU A 211 -39.31 3.01 15.94
N SER A 212 -38.41 2.44 16.73
CA SER A 212 -38.65 2.31 18.17
C SER A 212 -38.45 3.64 18.88
N PRO A 213 -39.47 4.14 19.60
CA PRO A 213 -39.29 5.41 20.34
C PRO A 213 -38.10 5.41 21.29
N GLY A 214 -37.79 4.28 21.92
CA GLY A 214 -36.72 4.25 22.89
C GLY A 214 -35.33 4.25 22.32
N SER A 215 -35.19 4.14 21.00
CA SER A 215 -33.91 4.20 20.31
C SER A 215 -33.66 5.50 19.57
N ARG A 216 -34.71 6.28 19.30
CA ARG A 216 -34.62 7.32 18.28
C ARG A 216 -33.62 8.42 18.63
N ASP A 217 -33.47 8.74 19.91
CA ASP A 217 -32.59 9.83 20.30
C ASP A 217 -31.14 9.40 20.46
N LEU A 218 -30.82 8.13 20.16
CA LEU A 218 -29.46 7.63 20.31
C LEU A 218 -28.68 7.57 19.00
N PHE A 219 -29.18 8.20 17.94
CA PHE A 219 -28.42 8.30 16.70
C PHE A 219 -29.02 9.43 15.87
N ARG A 220 -28.25 9.85 14.86
CA ARG A 220 -28.64 10.97 14.01
C ARG A 220 -29.31 10.53 12.72
N ARG A 221 -28.73 9.55 12.03
CA ARG A 221 -29.23 9.09 10.73
C ARG A 221 -28.79 7.65 10.53
N ALA A 222 -29.19 7.05 9.41
CA ALA A 222 -29.18 5.60 9.32
C ALA A 222 -28.85 5.15 7.90
N ILE A 223 -28.13 4.02 7.81
CA ILE A 223 -27.87 3.35 6.55
C ILE A 223 -28.35 1.90 6.66
N LEU A 224 -29.15 1.45 5.70
CA LEU A 224 -29.68 0.09 5.69
C LEU A 224 -29.18 -0.63 4.45
N GLN A 225 -28.44 -1.71 4.61
CA GLN A 225 -27.94 -2.50 3.49
C GLN A 225 -28.66 -3.83 3.43
N SER A 226 -29.44 -4.05 2.36
CA SER A 226 -30.08 -5.36 2.10
C SER A 226 -30.87 -5.86 3.30
N GLY A 227 -31.57 -4.96 3.96
CA GLY A 227 -32.46 -5.35 5.03
C GLY A 227 -33.34 -4.19 5.42
N SER A 228 -34.52 -4.49 5.92
CA SER A 228 -35.44 -3.45 6.38
C SER A 228 -36.31 -4.07 7.44
N PRO A 229 -36.94 -3.25 8.30
CA PRO A 229 -37.59 -3.81 9.50
C PRO A 229 -38.80 -4.65 9.19
N ASN A 230 -39.48 -4.38 8.07
CA ASN A 230 -40.67 -5.09 7.65
C ASN A 230 -40.39 -6.37 6.86
N CYS A 231 -39.13 -6.77 6.73
CA CYS A 231 -38.81 -8.00 6.02
C CYS A 231 -39.58 -9.18 6.62
N PRO A 232 -40.05 -10.13 5.80
CA PRO A 232 -40.95 -11.18 6.33
C PRO A 232 -40.26 -12.11 7.32
N TRP A 233 -38.94 -12.18 7.29
CA TRP A 233 -38.17 -13.01 8.19
C TRP A 233 -37.76 -12.28 9.47
N ALA A 234 -37.98 -10.98 9.55
CA ALA A 234 -37.29 -10.19 10.58
C ALA A 234 -38.09 -10.00 11.87
N SER A 235 -39.35 -10.43 11.91
CA SER A 235 -40.12 -10.33 13.14
C SER A 235 -41.20 -11.38 13.16
N VAL A 236 -41.71 -11.66 14.36
CA VAL A 236 -42.84 -12.54 14.56
C VAL A 236 -43.81 -11.87 15.52
N SER A 237 -45.04 -12.36 15.53
CA SER A 237 -46.03 -11.92 16.51
C SER A 237 -45.67 -12.46 17.90
N VAL A 238 -46.32 -11.88 18.91
CA VAL A 238 -46.06 -12.40 20.25
CA VAL A 238 -46.14 -12.37 20.28
C VAL A 238 -46.57 -13.82 20.40
N ALA A 239 -47.68 -14.16 19.74
CA ALA A 239 -48.18 -15.54 19.81
C ALA A 239 -47.18 -16.51 19.17
N GLU A 240 -46.60 -16.13 18.03
CA GLU A 240 -45.68 -17.02 17.35
C GLU A 240 -44.35 -17.13 18.10
N GLY A 241 -43.87 -16.01 18.66
CA GLY A 241 -42.69 -16.09 19.50
C GLY A 241 -42.92 -17.00 20.69
N ARG A 242 -44.10 -16.91 21.31
CA ARG A 242 -44.40 -17.78 22.44
C ARG A 242 -44.50 -19.23 22.00
N ARG A 243 -45.11 -19.49 20.84
CA ARG A 243 -45.17 -20.86 20.35
C ARG A 243 -43.78 -21.43 20.15
N ARG A 244 -42.86 -20.63 19.61
CA ARG A 244 -41.53 -21.15 19.33
C ARG A 244 -40.74 -21.36 20.61
N ALA A 245 -40.93 -20.50 21.61
CA ALA A 245 -40.26 -20.69 22.89
C ALA A 245 -40.74 -21.95 23.59
N VAL A 246 -42.05 -22.16 23.62
CA VAL A 246 -42.59 -23.40 24.21
C VAL A 246 -42.08 -24.62 23.46
N GLU A 247 -42.03 -24.55 22.12
CA GLU A 247 -41.55 -25.70 21.35
C GLU A 247 -40.06 -25.93 21.56
N LEU A 248 -39.28 -24.88 21.81
CA LEU A 248 -37.90 -25.08 22.21
C LEU A 248 -37.81 -25.88 23.50
N GLY A 249 -38.63 -25.51 24.49
CA GLY A 249 -38.70 -26.28 25.71
C GLY A 249 -39.11 -27.71 25.46
N ARG A 250 -40.12 -27.93 24.61
CA ARG A 250 -40.55 -29.28 24.31
C ARG A 250 -39.41 -30.10 23.73
N ASN A 251 -38.61 -29.51 22.84
CA ASN A 251 -37.48 -30.24 22.27
C ASN A 251 -36.44 -30.60 23.33
N LEU A 252 -36.44 -29.91 24.46
CA LEU A 252 -35.45 -30.15 25.51
C LEU A 252 -36.07 -30.78 26.75
N ASN A 253 -37.27 -31.34 26.63
CA ASN A 253 -37.95 -32.01 27.73
C ASN A 253 -38.16 -31.08 28.92
N CYS A 254 -38.49 -29.83 28.63
CA CYS A 254 -38.69 -28.86 29.70
C CYS A 254 -40.11 -28.93 30.25
N ASN A 255 -40.25 -28.53 31.51
CA ASN A 255 -41.55 -28.25 32.08
C ASN A 255 -42.19 -27.08 31.34
N LEU A 256 -43.40 -27.27 30.82
CA LEU A 256 -44.06 -26.25 30.01
C LEU A 256 -45.27 -25.61 30.70
N ASN A 257 -45.47 -25.86 32.00
CA ASN A 257 -46.69 -25.42 32.66
C ASN A 257 -46.75 -23.91 32.85
N SER A 258 -45.60 -23.25 33.00
CA SER A 258 -45.61 -21.82 33.23
C SER A 258 -44.36 -21.20 32.61
N ASP A 259 -44.42 -19.89 32.41
CA ASP A 259 -43.25 -19.17 31.91
C ASP A 259 -42.06 -19.34 32.86
N GLU A 260 -42.30 -19.22 34.17
CA GLU A 260 -41.19 -19.33 35.12
C GLU A 260 -40.56 -20.72 35.08
N GLU A 261 -41.38 -21.77 34.97
CA GLU A 261 -40.83 -23.12 34.94
C GLU A 261 -40.10 -23.40 33.63
N LEU A 262 -40.66 -22.94 32.51
CA LEU A 262 -39.99 -23.10 31.22
C LEU A 262 -38.67 -22.35 31.19
N ILE A 263 -38.68 -21.10 31.63
CA ILE A 263 -37.46 -20.30 31.63
C ILE A 263 -36.43 -20.91 32.56
N HIS A 264 -36.86 -21.38 33.74
CA HIS A 264 -35.91 -22.00 34.65
C HIS A 264 -35.25 -23.21 34.01
N CYS A 265 -36.04 -24.05 33.32
CA CYS A 265 -35.48 -25.18 32.60
C CYS A 265 -34.46 -24.74 31.56
N LEU A 266 -34.82 -23.74 30.75
CA LEU A 266 -33.95 -23.34 29.65
C LEU A 266 -32.67 -22.72 30.15
N ARG A 267 -32.69 -22.04 31.31
CA ARG A 267 -31.47 -21.47 31.85
C ARG A 267 -30.50 -22.53 32.39
N GLU A 268 -30.96 -23.76 32.62
CA GLU A 268 -30.07 -24.83 33.06
C GLU A 268 -29.29 -25.46 31.93
N LYS A 269 -29.75 -25.29 30.69
CA LYS A 269 -29.12 -25.95 29.55
C LYS A 269 -27.83 -25.26 29.18
N LYS A 270 -26.87 -26.05 28.70
CA LYS A 270 -25.68 -25.46 28.13
C LYS A 270 -26.05 -24.75 26.83
N PRO A 271 -25.30 -23.72 26.43
CA PRO A 271 -25.69 -22.97 25.24
C PRO A 271 -25.84 -23.82 24.00
N GLN A 272 -24.95 -24.80 23.80
CA GLN A 272 -25.05 -25.60 22.58
C GLN A 272 -26.29 -26.49 22.59
N GLU A 273 -26.82 -26.85 23.76
CA GLU A 273 -28.05 -27.63 23.79
C GLU A 273 -29.20 -26.85 23.18
N LEU A 274 -29.27 -25.54 23.46
CA LEU A 274 -30.29 -24.72 22.82
C LEU A 274 -30.06 -24.63 21.32
N ILE A 275 -28.82 -24.36 20.91
CA ILE A 275 -28.51 -24.18 19.50
C ILE A 275 -28.81 -25.46 18.72
N ASP A 276 -28.54 -26.61 19.33
CA ASP A 276 -28.73 -27.89 18.63
C ASP A 276 -30.18 -28.11 18.19
N VAL A 277 -31.15 -27.53 18.89
CA VAL A 277 -32.56 -27.72 18.55
C VAL A 277 -33.22 -26.45 18.04
N GLU A 278 -32.45 -25.38 17.85
CA GLU A 278 -33.01 -24.07 17.52
C GLU A 278 -33.87 -24.12 16.26
N TRP A 279 -33.37 -24.79 15.23
CA TRP A 279 -34.09 -24.82 13.96
C TRP A 279 -35.35 -25.66 14.03
N ASN A 280 -35.50 -26.51 15.05
CA ASN A 280 -36.65 -27.40 15.12
C ASN A 280 -37.95 -26.68 15.40
N VAL A 281 -37.91 -25.40 15.81
CA VAL A 281 -39.14 -24.72 16.19
C VAL A 281 -39.79 -23.97 15.03
N LEU A 282 -39.16 -23.93 13.86
CA LEU A 282 -39.77 -23.24 12.73
C LEU A 282 -41.06 -23.93 12.33
N PRO A 283 -42.09 -23.18 11.93
CA PRO A 283 -43.38 -23.80 11.63
C PRO A 283 -43.42 -24.47 10.27
N PHE A 284 -42.53 -24.11 9.35
CA PHE A 284 -42.56 -24.62 7.98
C PHE A 284 -41.16 -25.00 7.55
N ASP A 285 -41.07 -26.02 6.68
CA ASP A 285 -39.89 -26.16 5.86
C ASP A 285 -39.75 -24.91 5.00
N SER A 286 -38.60 -24.27 5.05
CA SER A 286 -38.49 -22.95 4.47
C SER A 286 -37.04 -22.59 4.25
N ILE A 287 -36.83 -21.59 3.42
CA ILE A 287 -35.54 -20.93 3.38
C ILE A 287 -35.76 -19.46 3.70
N PHE A 288 -34.68 -18.83 4.16
CA PHE A 288 -34.75 -17.41 4.57
C PHE A 288 -35.79 -17.21 5.69
N ARG A 289 -35.87 -18.17 6.61
CA ARG A 289 -36.64 -18.00 7.84
C ARG A 289 -35.79 -18.44 9.02
N PHE A 290 -35.92 -17.71 10.13
CA PHE A 290 -35.05 -17.89 11.29
C PHE A 290 -35.89 -17.99 12.55
N SER A 291 -35.43 -18.79 13.50
CA SER A 291 -36.30 -19.20 14.61
C SER A 291 -36.57 -18.06 15.59
N PHE A 292 -35.53 -17.40 16.08
CA PHE A 292 -35.67 -16.42 17.15
C PHE A 292 -35.31 -15.05 16.62
N VAL A 293 -36.34 -14.21 16.44
CA VAL A 293 -36.20 -12.91 15.80
C VAL A 293 -36.96 -11.89 16.65
N PRO A 294 -36.84 -10.59 16.37
CA PRO A 294 -37.65 -9.58 17.09
C PRO A 294 -39.13 -9.93 17.11
N VAL A 295 -39.80 -9.56 18.21
CA VAL A 295 -41.25 -9.76 18.36
CA VAL A 295 -41.23 -9.76 18.35
C VAL A 295 -41.93 -8.39 18.38
N ILE A 296 -43.10 -8.32 17.77
CA ILE A 296 -43.92 -7.10 17.77
C ILE A 296 -44.67 -7.08 19.10
N ASP A 297 -44.12 -6.38 20.09
CA ASP A 297 -44.46 -6.61 21.49
C ASP A 297 -45.31 -5.53 22.14
N GLY A 298 -45.54 -4.41 21.47
CA GLY A 298 -46.21 -3.29 22.11
C GLY A 298 -45.33 -2.45 23.01
N GLU A 299 -44.04 -2.75 23.09
CA GLU A 299 -43.12 -2.00 23.95
C GLU A 299 -41.94 -1.47 23.14
N PHE A 300 -41.07 -2.33 22.64
CA PHE A 300 -40.06 -1.86 21.71
C PHE A 300 -40.71 -1.35 20.43
N PHE A 301 -41.76 -2.03 19.98
CA PHE A 301 -42.58 -1.58 18.86
C PHE A 301 -43.96 -1.27 19.39
N PRO A 302 -44.35 0.00 19.52
CA PRO A 302 -45.64 0.32 20.15
C PRO A 302 -46.83 -0.26 19.43
N THR A 303 -46.79 -0.36 18.10
CA THR A 303 -47.86 -0.96 17.32
C THR A 303 -47.22 -1.76 16.18
N SER A 304 -48.07 -2.29 15.31
CA SER A 304 -47.58 -3.03 14.15
C SER A 304 -46.63 -2.15 13.35
N LEU A 305 -45.65 -2.79 12.70
CA LEU A 305 -44.72 -2.04 11.85
C LEU A 305 -45.45 -1.25 10.76
N GLU A 306 -46.46 -1.87 10.15
CA GLU A 306 -47.15 -1.18 9.05
C GLU A 306 -47.92 0.04 9.54
N SER A 307 -48.56 -0.05 10.71
CA SER A 307 -49.27 1.12 11.22
C SER A 307 -48.31 2.22 11.59
N MET A 308 -47.14 1.86 12.17
CA MET A 308 -46.13 2.87 12.46
C MET A 308 -45.66 3.54 11.18
N LEU A 309 -45.43 2.75 10.13
CA LEU A 309 -44.99 3.31 8.86
C LEU A 309 -46.06 4.20 8.25
N ASN A 310 -47.33 3.79 8.35
CA ASN A 310 -48.42 4.57 7.75
C ASN A 310 -48.63 5.89 8.46
N SER A 311 -48.52 5.91 9.78
CA SER A 311 -48.81 7.12 10.54
C SER A 311 -47.59 8.04 10.67
N GLY A 312 -46.43 7.62 10.17
CA GLY A 312 -45.24 8.42 10.38
C GLY A 312 -44.70 8.35 11.80
N ASN A 313 -45.08 7.33 12.56
CA ASN A 313 -44.59 7.17 13.94
C ASN A 313 -43.21 6.54 13.89
N PHE A 314 -42.21 7.35 13.56
CA PHE A 314 -40.83 6.89 13.47
C PHE A 314 -39.93 8.12 13.41
N LYS A 315 -38.62 7.87 13.56
CA LYS A 315 -37.64 8.95 13.54
C LYS A 315 -37.55 9.57 12.16
N LYS A 316 -37.72 10.88 12.08
CA LYS A 316 -37.67 11.60 10.82
C LYS A 316 -36.27 12.15 10.63
N THR A 317 -35.53 11.59 9.68
CA THR A 317 -34.15 11.98 9.47
C THR A 317 -33.79 11.62 8.02
N GLN A 318 -32.50 11.55 7.73
CA GLN A 318 -32.04 11.09 6.42
C GLN A 318 -31.67 9.62 6.48
N ILE A 319 -31.94 8.90 5.40
CA ILE A 319 -31.52 7.51 5.30
C ILE A 319 -30.86 7.28 3.96
N LEU A 320 -29.95 6.33 3.94
CA LEU A 320 -29.32 5.84 2.73
C LEU A 320 -29.45 4.33 2.76
N LEU A 321 -29.91 3.73 1.67
CA LEU A 321 -30.18 2.30 1.75
C LEU A 321 -30.17 1.71 0.35
N GLY A 322 -30.08 0.39 0.30
CA GLY A 322 -30.16 -0.26 -0.99
C GLY A 322 -30.01 -1.76 -0.86
N VAL A 323 -29.89 -2.40 -2.03
CA VAL A 323 -29.93 -3.84 -2.15
C VAL A 323 -28.87 -4.26 -3.17
N ASN A 324 -28.60 -5.57 -3.21
CA ASN A 324 -27.70 -6.18 -4.17
C ASN A 324 -28.50 -6.90 -5.23
N LYS A 325 -27.85 -7.17 -6.37
CA LYS A 325 -28.57 -7.74 -7.51
C LYS A 325 -29.12 -9.13 -7.23
N ASP A 326 -28.36 -9.97 -6.51
CA ASP A 326 -28.74 -11.38 -6.38
C ASP A 326 -28.82 -11.78 -4.91
N GLU A 327 -29.74 -11.14 -4.18
CA GLU A 327 -29.86 -11.38 -2.74
C GLU A 327 -30.20 -12.84 -2.43
N GLY A 328 -30.88 -13.53 -3.33
CA GLY A 328 -31.43 -14.82 -2.98
C GLY A 328 -30.47 -16.00 -3.09
N SER A 329 -29.37 -15.84 -3.81
CA SER A 329 -28.64 -17.03 -4.28
C SER A 329 -28.01 -17.80 -3.12
N PHE A 330 -27.49 -17.08 -2.13
CA PHE A 330 -26.90 -17.76 -0.97
C PHE A 330 -27.90 -18.67 -0.30
N PHE A 331 -29.15 -18.23 -0.18
CA PHE A 331 -30.14 -18.99 0.57
C PHE A 331 -30.62 -20.22 -0.19
N LEU A 332 -30.58 -20.16 -1.52
CA LEU A 332 -30.96 -21.32 -2.32
C LEU A 332 -29.89 -22.39 -2.28
N LEU A 333 -28.62 -21.97 -2.37
CA LEU A 333 -27.51 -22.90 -2.26
C LEU A 333 -27.64 -23.76 -1.02
N TYR A 334 -28.04 -23.14 0.09
CA TYR A 334 -28.09 -23.85 1.36
C TYR A 334 -29.37 -24.65 1.54
N GLY A 335 -30.49 -24.21 0.94
CA GLY A 335 -31.75 -24.82 1.32
C GLY A 335 -32.62 -25.40 0.24
N ALA A 336 -32.25 -25.25 -1.04
CA ALA A 336 -33.19 -25.59 -2.10
C ALA A 336 -32.67 -26.71 -2.99
N PRO A 337 -33.54 -27.60 -3.45
CA PRO A 337 -33.08 -28.75 -4.26
C PRO A 337 -32.56 -28.30 -5.63
N GLY A 338 -31.47 -28.92 -6.05
CA GLY A 338 -30.89 -28.67 -7.35
C GLY A 338 -29.74 -27.69 -7.37
N PHE A 339 -29.47 -27.04 -6.25
CA PHE A 339 -28.42 -26.03 -6.20
C PHE A 339 -27.15 -26.62 -5.61
N SER A 340 -26.02 -26.15 -6.13
CA SER A 340 -24.73 -26.66 -5.76
C SER A 340 -23.70 -25.57 -6.00
N LYS A 341 -22.76 -25.48 -5.05
CA LYS A 341 -21.64 -24.54 -5.16
C LYS A 341 -20.73 -24.90 -6.32
N ASP A 342 -20.70 -26.17 -6.72
CA ASP A 342 -19.73 -26.67 -7.70
C ASP A 342 -20.36 -26.97 -9.05
N SER A 343 -21.56 -26.47 -9.31
CA SER A 343 -22.16 -26.64 -10.62
C SER A 343 -22.90 -25.36 -10.98
N GLU A 344 -23.32 -25.28 -12.24
CA GLU A 344 -24.11 -24.15 -12.69
C GLU A 344 -25.51 -24.16 -12.13
N SER A 345 -25.93 -25.24 -11.47
CA SER A 345 -27.21 -25.31 -10.77
C SER A 345 -28.39 -25.01 -11.69
N LYS A 346 -28.42 -25.65 -12.85
CA LYS A 346 -29.60 -25.55 -13.69
C LYS A 346 -30.74 -26.31 -13.01
N ILE A 347 -31.87 -25.65 -12.88
CA ILE A 347 -32.97 -26.10 -12.04
C ILE A 347 -34.05 -26.70 -12.92
N SER A 348 -34.41 -27.95 -12.65
CA SER A 348 -35.54 -28.58 -13.33
C SER A 348 -36.84 -27.90 -12.92
N ARG A 349 -37.88 -28.16 -13.71
CA ARG A 349 -39.20 -27.65 -13.37
C ARG A 349 -39.68 -28.19 -12.03
N GLU A 350 -39.41 -29.47 -11.75
CA GLU A 350 -39.83 -30.05 -10.48
C GLU A 350 -39.14 -29.35 -9.31
N ASP A 351 -37.84 -29.13 -9.41
CA ASP A 351 -37.11 -28.45 -8.34
C ASP A 351 -37.48 -26.98 -8.26
N PHE A 352 -37.87 -26.36 -9.38
CA PHE A 352 -38.38 -25.00 -9.31
C PHE A 352 -39.61 -24.93 -8.42
N MET A 353 -40.57 -25.82 -8.68
CA MET A 353 -41.80 -25.81 -7.90
CA MET A 353 -41.80 -25.81 -7.90
C MET A 353 -41.53 -26.10 -6.43
N SER A 354 -40.57 -26.99 -6.14
CA SER A 354 -40.19 -27.22 -4.76
C SER A 354 -39.57 -25.97 -4.15
N GLY A 355 -38.73 -25.27 -4.93
CA GLY A 355 -38.10 -24.07 -4.42
C GLY A 355 -39.11 -22.98 -4.12
N VAL A 356 -40.14 -22.84 -4.96
CA VAL A 356 -41.17 -21.83 -4.74
C VAL A 356 -41.85 -22.05 -3.40
N LYS A 357 -42.19 -23.32 -3.11
CA LYS A 357 -42.84 -23.67 -1.85
C LYS A 357 -41.95 -23.34 -0.66
N LEU A 358 -40.66 -23.67 -0.75
CA LEU A 358 -39.74 -23.36 0.34
C LEU A 358 -39.56 -21.86 0.52
N SER A 359 -39.66 -21.10 -0.58
CA SER A 359 -39.34 -19.68 -0.56
C SER A 359 -40.50 -18.84 -0.04
N VAL A 360 -41.72 -19.30 -0.23
CA VAL A 360 -42.91 -18.57 0.23
C VAL A 360 -43.71 -19.51 1.12
N PRO A 361 -43.18 -19.85 2.29
CA PRO A 361 -43.76 -20.95 3.08
C PRO A 361 -45.15 -20.67 3.57
N HIS A 362 -45.51 -19.41 3.74
CA HIS A 362 -46.81 -19.04 4.28
C HIS A 362 -47.92 -19.03 3.23
N ALA A 363 -47.61 -19.32 1.96
CA ALA A 363 -48.56 -19.15 0.87
C ALA A 363 -49.45 -20.37 0.69
N ASN A 364 -50.72 -20.13 0.38
CA ASN A 364 -51.60 -21.22 -0.01
C ASN A 364 -51.32 -21.61 -1.46
N ASP A 365 -52.05 -22.60 -1.96
CA ASP A 365 -51.81 -23.12 -3.30
C ASP A 365 -52.04 -22.05 -4.36
N LEU A 366 -53.10 -21.25 -4.21
CA LEU A 366 -53.33 -20.13 -5.13
C LEU A 366 -52.16 -19.15 -5.10
N GLY A 367 -51.66 -18.86 -3.90
CA GLY A 367 -50.52 -17.96 -3.79
C GLY A 367 -49.30 -18.51 -4.50
N LEU A 368 -49.02 -19.81 -4.32
CA LEU A 368 -47.88 -20.42 -5.00
C LEU A 368 -48.07 -20.40 -6.51
N ASP A 369 -49.29 -20.66 -6.99
CA ASP A 369 -49.58 -20.53 -8.42
C ASP A 369 -49.29 -19.11 -8.91
N ALA A 370 -49.66 -18.11 -8.11
CA ALA A 370 -49.43 -16.72 -8.51
C ALA A 370 -47.95 -16.44 -8.65
N VAL A 371 -47.16 -16.87 -7.66
CA VAL A 371 -45.72 -16.68 -7.72
C VAL A 371 -45.14 -17.39 -8.94
N THR A 372 -45.53 -18.64 -9.15
CA THR A 372 -45.02 -19.41 -10.28
C THR A 372 -45.31 -18.70 -11.59
N LEU A 373 -46.55 -18.24 -11.76
CA LEU A 373 -46.92 -17.58 -13.00
C LEU A 373 -46.12 -16.31 -13.21
N GLN A 374 -45.87 -15.58 -12.12
CA GLN A 374 -45.16 -14.31 -12.24
C GLN A 374 -43.73 -14.50 -12.68
N TYR A 375 -43.12 -15.64 -12.36
CA TYR A 375 -41.69 -15.84 -12.61
C TYR A 375 -41.39 -16.96 -13.59
N THR A 376 -42.38 -17.45 -14.33
CA THR A 376 -42.16 -18.54 -15.27
C THR A 376 -42.36 -18.03 -16.68
N ASP A 377 -41.39 -18.31 -17.54
CA ASP A 377 -41.51 -18.05 -18.98
C ASP A 377 -42.11 -19.30 -19.60
N TRP A 378 -43.41 -19.25 -19.87
CA TRP A 378 -44.10 -20.43 -20.40
C TRP A 378 -43.81 -20.69 -21.87
N MET A 379 -43.03 -19.84 -22.53
CA MET A 379 -42.48 -20.21 -23.82
C MET A 379 -41.26 -21.11 -23.68
N ASP A 380 -40.70 -21.23 -22.48
CA ASP A 380 -39.38 -21.84 -22.31
C ASP A 380 -39.24 -22.38 -20.90
N ASP A 381 -40.23 -23.15 -20.46
CA ASP A 381 -40.37 -23.48 -19.04
C ASP A 381 -39.42 -24.56 -18.56
N ASN A 382 -38.75 -25.27 -19.46
CA ASN A 382 -37.76 -26.27 -19.08
C ASN A 382 -36.34 -25.76 -19.21
N ASN A 383 -36.17 -24.45 -19.29
CA ASN A 383 -34.86 -23.83 -19.36
C ASN A 383 -34.30 -23.79 -17.93
N GLY A 384 -33.26 -24.58 -17.68
CA GLY A 384 -32.74 -24.66 -16.32
C GLY A 384 -32.09 -23.39 -15.82
N ILE A 385 -31.56 -22.58 -16.73
CA ILE A 385 -30.97 -21.31 -16.32
C ILE A 385 -32.07 -20.33 -15.91
N LYS A 386 -33.13 -20.23 -16.72
CA LYS A 386 -34.24 -19.36 -16.37
C LYS A 386 -34.92 -19.82 -15.08
N ASN A 387 -35.01 -21.13 -14.88
CA ASN A 387 -35.64 -21.62 -13.66
C ASN A 387 -34.79 -21.26 -12.46
N ARG A 388 -33.48 -21.45 -12.57
CA ARG A 388 -32.55 -21.08 -11.49
C ARG A 388 -32.59 -19.59 -11.21
N ASP A 389 -32.48 -18.77 -12.24
CA ASP A 389 -32.50 -17.32 -12.05
C ASP A 389 -33.85 -16.84 -11.58
N GLY A 390 -34.94 -17.51 -11.98
CA GLY A 390 -36.26 -17.13 -11.50
C GLY A 390 -36.44 -17.39 -10.02
N LEU A 391 -35.95 -18.54 -9.54
CA LEU A 391 -35.95 -18.81 -8.10
C LEU A 391 -35.07 -17.83 -7.35
N ASP A 392 -33.90 -17.52 -7.90
CA ASP A 392 -33.02 -16.52 -7.29
C ASP A 392 -33.76 -15.20 -7.11
N ASP A 393 -34.47 -14.75 -8.16
CA ASP A 393 -35.22 -13.50 -8.08
C ASP A 393 -36.35 -13.59 -7.08
N ILE A 394 -37.07 -14.72 -7.06
CA ILE A 394 -38.16 -14.87 -6.10
C ILE A 394 -37.62 -14.67 -4.68
N VAL A 395 -36.57 -15.37 -4.33
CA VAL A 395 -36.06 -15.30 -2.96
C VAL A 395 -35.59 -13.88 -2.64
N GLY A 396 -34.84 -13.25 -3.55
CA GLY A 396 -34.35 -11.92 -3.29
C GLY A 396 -35.45 -10.87 -3.29
N ASP A 397 -36.42 -10.99 -4.20
CA ASP A 397 -37.50 -10.01 -4.26
C ASP A 397 -38.40 -10.11 -3.03
N HIS A 398 -38.75 -11.33 -2.63
CA HIS A 398 -39.70 -11.52 -1.54
C HIS A 398 -39.07 -11.15 -0.20
N ASN A 399 -37.81 -11.53 0.01
CA ASN A 399 -37.22 -11.41 1.33
C ASN A 399 -36.45 -10.12 1.55
N VAL A 400 -35.98 -9.46 0.49
CA VAL A 400 -35.11 -8.31 0.66
C VAL A 400 -35.58 -7.11 -0.16
N ILE A 401 -35.64 -7.25 -1.48
CA ILE A 401 -35.78 -6.06 -2.32
C ILE A 401 -37.16 -5.43 -2.14
N CYS A 402 -38.22 -6.22 -2.25
CA CYS A 402 -39.55 -5.60 -2.20
C CYS A 402 -39.92 -5.14 -0.79
N PRO A 403 -39.54 -5.84 0.30
CA PRO A 403 -39.76 -5.25 1.62
C PRO A 403 -39.03 -3.92 1.78
N LEU A 404 -37.79 -3.85 1.28
CA LEU A 404 -37.05 -2.59 1.37
C LEU A 404 -37.71 -1.50 0.55
N MET A 405 -38.24 -1.84 -0.64
CA MET A 405 -38.90 -0.79 -1.43
C MET A 405 -40.19 -0.33 -0.76
N HIS A 406 -40.92 -1.23 -0.11
CA HIS A 406 -42.08 -0.82 0.66
C HIS A 406 -41.67 0.14 1.77
N PHE A 407 -40.58 -0.16 2.46
CA PHE A 407 -40.08 0.72 3.50
C PHE A 407 -39.64 2.05 2.92
N VAL A 408 -38.88 2.01 1.83
CA VAL A 408 -38.38 3.24 1.20
C VAL A 408 -39.53 4.18 0.88
N ASN A 409 -40.59 3.63 0.31
CA ASN A 409 -41.70 4.47 -0.11
C ASN A 409 -42.49 4.99 1.09
N LYS A 410 -42.69 4.16 2.12
CA LYS A 410 -43.38 4.64 3.31
C LYS A 410 -42.55 5.68 4.07
N TYR A 411 -41.24 5.44 4.18
CA TYR A 411 -40.39 6.34 4.94
C TYR A 411 -40.30 7.71 4.29
N THR A 412 -40.16 7.73 2.97
CA THR A 412 -39.91 8.96 2.23
C THR A 412 -41.09 9.94 2.32
N LYS A 413 -42.29 9.45 2.63
CA LYS A 413 -43.43 10.35 2.80
C LYS A 413 -43.22 11.30 3.97
N PHE A 414 -42.55 10.84 5.03
CA PHE A 414 -42.35 11.63 6.24
C PHE A 414 -40.90 11.99 6.52
N GLY A 415 -39.94 11.30 5.90
CA GLY A 415 -38.54 11.51 6.20
C GLY A 415 -38.00 12.84 5.69
N ASN A 416 -36.71 13.05 5.94
CA ASN A 416 -36.03 14.29 5.58
C ASN A 416 -34.93 14.06 4.55
N GLY A 417 -35.01 12.96 3.78
CA GLY A 417 -34.02 12.72 2.75
C GLY A 417 -33.68 11.24 2.57
N THR A 418 -33.91 10.69 1.39
CA THR A 418 -33.70 9.27 1.11
C THR A 418 -32.77 9.14 -0.09
N TYR A 419 -31.76 8.28 0.04
CA TYR A 419 -30.83 7.95 -1.03
C TYR A 419 -30.83 6.44 -1.21
N LEU A 420 -31.13 5.99 -2.42
CA LEU A 420 -31.34 4.57 -2.71
C LEU A 420 -30.29 4.09 -3.70
N TYR A 421 -29.73 2.89 -3.47
CA TYR A 421 -28.73 2.34 -4.38
C TYR A 421 -29.08 0.90 -4.78
N PHE A 422 -28.47 0.46 -5.88
CA PHE A 422 -28.58 -0.90 -6.36
C PHE A 422 -27.17 -1.38 -6.65
N PHE A 423 -26.61 -2.23 -5.79
CA PHE A 423 -25.24 -2.69 -5.93
C PHE A 423 -25.25 -3.92 -6.84
N ASN A 424 -24.61 -3.81 -8.00
CA ASN A 424 -24.64 -4.94 -8.92
C ASN A 424 -23.27 -5.22 -9.51
N HIS A 425 -22.22 -5.04 -8.72
CA HIS A 425 -20.88 -5.42 -9.15
C HIS A 425 -20.53 -6.78 -8.55
N ARG A 426 -20.13 -7.71 -9.39
CA ARG A 426 -19.58 -8.97 -8.93
C ARG A 426 -18.06 -8.84 -8.79
N ALA A 427 -17.55 -9.07 -7.58
CA ALA A 427 -16.13 -8.90 -7.34
C ALA A 427 -15.31 -9.86 -8.19
N SER A 428 -14.17 -9.36 -8.69
CA SER A 428 -13.33 -10.14 -9.59
C SER A 428 -12.73 -11.36 -8.92
N ASN A 429 -12.56 -11.35 -7.59
CA ASN A 429 -11.90 -12.42 -6.84
C ASN A 429 -12.88 -13.25 -6.04
N LEU A 430 -14.17 -13.19 -6.36
CA LEU A 430 -15.19 -13.90 -5.60
C LEU A 430 -14.93 -15.40 -5.66
N VAL A 431 -15.11 -16.08 -4.52
CA VAL A 431 -14.83 -17.52 -4.45
C VAL A 431 -16.06 -18.38 -4.69
N TRP A 432 -17.28 -17.76 -4.72
CA TRP A 432 -18.53 -18.43 -5.03
C TRP A 432 -18.72 -18.52 -6.56
N PRO A 433 -19.47 -19.49 -7.03
CA PRO A 433 -19.61 -19.68 -8.49
C PRO A 433 -20.38 -18.53 -9.14
N GLU A 434 -20.27 -18.48 -10.46
CA GLU A 434 -20.85 -17.37 -11.22
C GLU A 434 -22.37 -17.30 -11.10
N TRP A 435 -23.06 -18.45 -11.01
CA TRP A 435 -24.52 -18.40 -11.01
C TRP A 435 -25.07 -17.63 -9.82
N MET A 436 -24.33 -17.55 -8.72
CA MET A 436 -24.82 -16.85 -7.54
C MET A 436 -24.75 -15.32 -7.69
N GLY A 437 -24.01 -14.82 -8.67
CA GLY A 437 -24.11 -13.41 -9.03
C GLY A 437 -23.58 -12.48 -7.95
N VAL A 438 -24.29 -11.38 -7.74
CA VAL A 438 -23.90 -10.36 -6.76
C VAL A 438 -24.58 -10.75 -5.44
N ILE A 439 -23.84 -11.43 -4.59
CA ILE A 439 -24.40 -12.19 -3.49
C ILE A 439 -24.75 -11.27 -2.32
N HIS A 440 -25.79 -11.65 -1.59
CA HIS A 440 -26.12 -11.07 -0.31
C HIS A 440 -24.85 -10.91 0.51
N GLY A 441 -24.63 -9.69 1.02
CA GLY A 441 -23.49 -9.41 1.88
C GLY A 441 -22.19 -9.07 1.19
N TYR A 442 -22.10 -9.18 -0.13
CA TYR A 442 -20.83 -8.95 -0.77
C TYR A 442 -20.61 -7.50 -1.20
N GLU A 443 -21.52 -6.61 -0.80
CA GLU A 443 -21.19 -5.19 -0.81
C GLU A 443 -20.42 -4.78 0.45
N ILE A 444 -20.48 -5.59 1.51
CA ILE A 444 -19.86 -5.20 2.79
C ILE A 444 -18.36 -4.96 2.60
N GLU A 445 -17.68 -5.85 1.88
CA GLU A 445 -16.23 -5.67 1.74
C GLU A 445 -15.87 -4.36 1.04
N PHE A 446 -16.75 -3.83 0.20
CA PHE A 446 -16.48 -2.52 -0.41
C PHE A 446 -16.75 -1.39 0.58
N VAL A 447 -17.81 -1.53 1.38
CA VAL A 447 -18.12 -0.52 2.41
C VAL A 447 -16.99 -0.40 3.41
N PHE A 448 -16.33 -1.52 3.74
CA PHE A 448 -15.27 -1.51 4.74
C PHE A 448 -13.88 -1.37 4.14
N GLY A 449 -13.79 -1.17 2.82
CA GLY A 449 -12.53 -0.78 2.23
C GLY A 449 -11.54 -1.89 2.01
N LEU A 450 -11.98 -3.14 2.03
CA LEU A 450 -11.07 -4.23 1.75
C LEU A 450 -10.41 -4.17 0.37
N PRO A 451 -11.06 -3.66 -0.70
CA PRO A 451 -10.32 -3.54 -1.98
C PRO A 451 -9.11 -2.63 -1.92
N LEU A 452 -8.97 -1.81 -0.88
CA LEU A 452 -7.75 -1.01 -0.72
C LEU A 452 -6.55 -1.84 -0.30
N VAL A 453 -6.74 -3.06 0.19
CA VAL A 453 -5.65 -3.91 0.64
C VAL A 453 -5.13 -4.68 -0.55
N LYS A 454 -3.87 -4.42 -0.94
CA LYS A 454 -3.38 -4.97 -2.20
C LYS A 454 -3.27 -6.49 -2.15
N GLU A 455 -2.92 -7.05 -0.99
CA GLU A 455 -2.78 -8.50 -0.88
C GLU A 455 -4.09 -9.24 -1.12
N LEU A 456 -5.24 -8.55 -1.09
CA LEU A 456 -6.51 -9.21 -1.31
C LEU A 456 -6.90 -9.31 -2.78
N ASN A 457 -6.14 -8.68 -3.67
CA ASN A 457 -6.22 -8.94 -5.12
C ASN A 457 -7.55 -8.48 -5.73
N TYR A 458 -8.06 -7.34 -5.28
CA TYR A 458 -9.10 -6.67 -6.03
C TYR A 458 -8.45 -5.89 -7.19
N THR A 459 -9.26 -5.54 -8.18
CA THR A 459 -8.74 -4.74 -9.27
C THR A 459 -8.66 -3.28 -8.86
N ALA A 460 -7.92 -2.51 -9.65
CA ALA A 460 -7.84 -1.07 -9.39
C ALA A 460 -9.21 -0.42 -9.51
N GLU A 461 -10.07 -0.94 -10.39
CA GLU A 461 -11.41 -0.38 -10.51
C GLU A 461 -12.24 -0.66 -9.27
N GLU A 462 -12.03 -1.84 -8.67
CA GLU A 462 -12.73 -2.17 -7.43
C GLU A 462 -12.20 -1.35 -6.25
N GLU A 463 -10.91 -1.03 -6.24
CA GLU A 463 -10.42 -0.10 -5.22
C GLU A 463 -11.09 1.26 -5.38
N ALA A 464 -11.24 1.75 -6.61
CA ALA A 464 -11.89 3.03 -6.81
C ALA A 464 -13.36 2.97 -6.39
N LEU A 465 -14.03 1.86 -6.70
CA LEU A 465 -15.42 1.70 -6.29
C LEU A 465 -15.55 1.70 -4.77
N SER A 466 -14.68 0.95 -4.09
CA SER A 466 -14.68 0.95 -2.63
C SER A 466 -14.45 2.35 -2.07
N ARG A 467 -13.45 3.08 -2.58
CA ARG A 467 -13.25 4.45 -2.13
C ARG A 467 -14.47 5.32 -2.40
N ARG A 468 -15.11 5.14 -3.56
CA ARG A 468 -16.33 5.89 -3.85
C ARG A 468 -17.41 5.58 -2.82
N ILE A 469 -17.56 4.30 -2.48
CA ILE A 469 -18.64 3.89 -1.60
C ILE A 469 -18.37 4.36 -0.17
N MET A 470 -17.14 4.15 0.32
CA MET A 470 -16.78 4.65 1.64
C MET A 470 -17.02 6.15 1.74
N HIS A 471 -16.69 6.89 0.69
CA HIS A 471 -16.88 8.33 0.74
C HIS A 471 -18.34 8.71 0.68
N TYR A 472 -19.15 8.00 -0.14
CA TYR A 472 -20.59 8.21 -0.09
C TYR A 472 -21.12 7.95 1.32
N TRP A 473 -20.73 6.82 1.91
CA TRP A 473 -21.26 6.44 3.22
C TRP A 473 -20.86 7.47 4.28
N ALA A 474 -19.58 7.83 4.32
CA ALA A 474 -19.10 8.72 5.38
C ALA A 474 -19.55 10.15 5.15
N THR A 475 -19.62 10.59 3.90
CA THR A 475 -20.14 11.93 3.64
C THR A 475 -21.62 12.00 4.01
N PHE A 476 -22.38 10.96 3.72
CA PHE A 476 -23.75 10.90 4.18
C PHE A 476 -23.82 10.92 5.71
N ALA A 477 -22.96 10.13 6.37
CA ALA A 477 -22.94 10.13 7.82
C ALA A 477 -22.67 11.54 8.38
N LYS A 478 -21.75 12.28 7.76
CA LYS A 478 -21.39 13.61 8.26
C LYS A 478 -22.49 14.66 8.02
N THR A 479 -23.19 14.58 6.88
CA THR A 479 -23.98 15.68 6.37
C THR A 479 -25.44 15.35 6.04
N GLY A 480 -25.81 14.06 5.97
CA GLY A 480 -27.12 13.69 5.50
C GLY A 480 -27.24 13.63 3.99
N ASN A 481 -26.14 13.74 3.27
CA ASN A 481 -26.08 13.81 1.82
C ASN A 481 -24.82 13.10 1.37
N PRO A 482 -24.91 12.02 0.57
CA PRO A 482 -23.70 11.30 0.17
C PRO A 482 -22.82 12.09 -0.78
N ASN A 483 -23.34 13.16 -1.38
CA ASN A 483 -22.62 13.95 -2.37
C ASN A 483 -21.82 15.06 -1.69
N GLU A 484 -20.60 15.24 -2.15
CA GLU A 484 -19.84 16.38 -1.66
C GLU A 484 -20.26 17.65 -2.41
N PRO A 485 -20.34 18.77 -1.72
CA PRO A 485 -20.67 20.04 -2.39
C PRO A 485 -19.55 20.44 -3.34
N HIS A 486 -19.91 21.32 -4.29
CA HIS A 486 -18.92 21.97 -5.15
C HIS A 486 -18.12 20.99 -6.00
N SER A 487 -18.36 19.69 -5.84
CA SER A 487 -17.64 18.71 -6.64
C SER A 487 -18.27 18.58 -8.01
N GLN A 488 -17.46 18.14 -8.98
CA GLN A 488 -17.92 17.98 -10.35
C GLN A 488 -18.21 16.53 -10.71
N GLU A 489 -18.21 15.63 -9.73
CA GLU A 489 -18.67 14.27 -9.98
C GLU A 489 -20.19 14.24 -10.10
N SER A 490 -20.70 13.18 -10.75
CA SER A 490 -22.13 13.03 -10.91
C SER A 490 -22.83 12.89 -9.56
N LYS A 491 -23.99 13.52 -9.44
CA LYS A 491 -24.69 13.61 -8.17
C LYS A 491 -25.67 12.45 -8.00
N TRP A 492 -25.64 11.83 -6.83
CA TRP A 492 -26.61 10.83 -6.41
C TRP A 492 -27.88 11.55 -6.02
N PRO A 493 -28.97 11.40 -6.77
CA PRO A 493 -30.17 12.18 -6.50
C PRO A 493 -30.94 11.62 -5.32
N LEU A 494 -31.60 12.55 -4.61
CA LEU A 494 -32.63 12.17 -3.64
C LEU A 494 -33.68 11.28 -4.29
N PHE A 495 -34.03 10.21 -3.59
CA PHE A 495 -35.21 9.42 -3.91
C PHE A 495 -36.43 10.19 -3.43
N THR A 496 -37.37 10.47 -4.33
CA THR A 496 -38.59 11.18 -4.02
C THR A 496 -39.79 10.30 -4.34
N THR A 497 -40.90 10.57 -3.65
CA THR A 497 -42.13 9.81 -3.88
C THR A 497 -42.51 9.82 -5.35
N LYS A 498 -42.32 10.95 -6.04
CA LYS A 498 -42.80 11.04 -7.40
C LYS A 498 -41.82 10.42 -8.40
N GLU A 499 -40.53 10.75 -8.29
CA GLU A 499 -39.57 10.31 -9.31
C GLU A 499 -38.86 9.00 -8.97
N GLN A 500 -38.71 8.67 -7.68
CA GLN A 500 -38.22 7.36 -7.25
C GLN A 500 -36.88 6.99 -7.89
N LYS A 501 -35.97 7.95 -7.94
CA LYS A 501 -34.65 7.74 -8.52
C LYS A 501 -33.74 6.97 -7.58
N PHE A 502 -32.87 6.14 -8.16
CA PHE A 502 -31.80 5.44 -7.45
C PHE A 502 -30.60 5.37 -8.38
N ILE A 503 -29.46 4.97 -7.83
CA ILE A 503 -28.25 4.82 -8.63
C ILE A 503 -27.81 3.37 -8.59
N ASP A 504 -27.15 2.94 -9.67
CA ASP A 504 -26.35 1.72 -9.65
C ASP A 504 -25.03 2.01 -8.96
N LEU A 505 -24.58 1.06 -8.16
CA LEU A 505 -23.24 1.11 -7.58
C LEU A 505 -22.42 0.00 -8.21
N ASN A 506 -21.50 0.39 -9.09
CA ASN A 506 -20.61 -0.58 -9.73
C ASN A 506 -19.39 0.19 -10.25
N THR A 507 -18.55 -0.48 -11.04
CA THR A 507 -17.30 0.11 -11.52
C THR A 507 -17.51 1.07 -12.69
N GLU A 508 -18.72 1.18 -13.21
CA GLU A 508 -19.02 2.06 -14.33
C GLU A 508 -19.49 3.42 -13.82
N PRO A 509 -19.42 4.46 -14.65
CA PRO A 509 -19.93 5.77 -14.24
C PRO A 509 -21.36 5.66 -13.74
N MET A 510 -21.66 6.41 -12.68
CA MET A 510 -22.97 6.36 -12.04
C MET A 510 -24.08 6.58 -13.06
N LYS A 511 -25.07 5.70 -13.04
CA LYS A 511 -26.28 5.84 -13.84
C LYS A 511 -27.47 5.97 -12.89
N VAL A 512 -28.34 6.92 -13.19
CA VAL A 512 -29.56 7.14 -12.44
C VAL A 512 -30.68 6.34 -13.10
N HIS A 513 -31.43 5.60 -12.30
CA HIS A 513 -32.62 4.89 -12.77
C HIS A 513 -33.80 5.27 -11.91
N GLN A 514 -34.98 4.77 -12.28
CA GLN A 514 -36.20 5.02 -11.53
C GLN A 514 -36.94 3.72 -11.30
N ARG A 515 -37.67 3.66 -10.17
CA ARG A 515 -38.63 2.60 -9.85
C ARG A 515 -37.94 1.24 -9.80
N LEU A 516 -37.09 1.09 -8.79
CA LEU A 516 -36.34 -0.15 -8.61
CA LEU A 516 -36.33 -0.14 -8.62
C LEU A 516 -37.26 -1.33 -8.47
N ARG A 517 -37.11 -2.32 -9.37
CA ARG A 517 -37.86 -3.58 -9.32
C ARG A 517 -39.37 -3.36 -9.20
N VAL A 518 -39.88 -2.33 -9.86
CA VAL A 518 -41.24 -1.89 -9.55
C VAL A 518 -42.27 -2.95 -9.91
N GLN A 519 -42.08 -3.66 -11.03
CA GLN A 519 -43.10 -4.62 -11.46
C GLN A 519 -43.24 -5.76 -10.47
N MET A 520 -42.12 -6.37 -10.08
CA MET A 520 -42.22 -7.47 -9.13
C MET A 520 -42.67 -6.98 -7.76
N CYS A 521 -42.29 -5.77 -7.36
CA CYS A 521 -42.68 -5.36 -6.03
C CYS A 521 -44.15 -4.96 -5.96
N VAL A 522 -44.79 -4.57 -7.07
CA VAL A 522 -46.25 -4.48 -7.01
C VAL A 522 -46.84 -5.84 -6.68
N PHE A 523 -46.29 -6.90 -7.27
CA PHE A 523 -46.75 -8.25 -6.96
C PHE A 523 -46.56 -8.60 -5.49
N TRP A 524 -45.34 -8.41 -4.98
CA TRP A 524 -45.04 -8.83 -3.60
C TRP A 524 -45.66 -7.90 -2.57
N ASN A 525 -45.73 -6.60 -2.85
CA ASN A 525 -46.19 -5.66 -1.83
C ASN A 525 -47.68 -5.37 -1.86
N GLN A 526 -48.36 -5.58 -2.99
CA GLN A 526 -49.78 -5.30 -3.07
C GLN A 526 -50.61 -6.50 -3.49
N PHE A 527 -50.29 -7.15 -4.61
CA PHE A 527 -51.21 -8.17 -5.11
C PHE A 527 -51.17 -9.43 -4.24
N LEU A 528 -49.99 -10.02 -4.06
CA LEU A 528 -49.94 -11.27 -3.30
C LEU A 528 -50.46 -11.11 -1.87
N PRO A 529 -50.12 -10.05 -1.13
CA PRO A 529 -50.73 -9.89 0.21
C PRO A 529 -52.25 -9.82 0.17
N LYS A 530 -52.80 -9.12 -0.83
CA LYS A 530 -54.24 -9.07 -0.98
C LYS A 530 -54.81 -10.45 -1.29
N LEU A 531 -54.14 -11.21 -2.17
CA LEU A 531 -54.60 -12.55 -2.49
C LEU A 531 -54.61 -13.45 -1.25
N LEU A 532 -53.51 -13.44 -0.51
CA LEU A 532 -53.42 -14.29 0.68
C LEU A 532 -54.44 -13.86 1.73
N ASN A 533 -54.62 -12.55 1.92
CA ASN A 533 -55.65 -12.08 2.84
C ASN A 533 -57.04 -12.52 2.40
N ALA A 534 -57.29 -12.53 1.09
CA ALA A 534 -58.63 -12.85 0.59
C ALA A 534 -58.88 -14.34 0.47
N THR A 535 -57.83 -15.15 0.44
CA THR A 535 -57.98 -16.60 0.31
C THR A 535 -57.13 -17.31 1.35
N SER B 4 54.48 21.55 7.64
CA SER B 4 53.97 22.90 7.46
C SER B 4 52.89 22.90 6.39
N GLU B 5 53.32 22.84 5.13
CA GLU B 5 52.40 22.63 4.03
C GLU B 5 51.67 21.29 4.19
N LEU B 6 52.35 20.28 4.71
CA LEU B 6 51.81 18.95 4.89
C LEU B 6 51.18 18.72 6.24
N LEU B 7 51.36 19.63 7.19
CA LEU B 7 50.82 19.46 8.54
C LEU B 7 49.65 20.41 8.71
N VAL B 8 48.45 19.86 8.83
CA VAL B 8 47.22 20.66 8.85
C VAL B 8 46.45 20.28 10.10
N ASN B 9 46.03 21.27 10.87
CA ASN B 9 45.23 21.04 12.06
CA ASN B 9 45.23 21.05 12.07
C ASN B 9 43.76 21.18 11.69
N THR B 10 43.02 20.09 11.80
CA THR B 10 41.60 20.10 11.47
C THR B 10 40.79 20.18 12.76
N LYS B 11 39.47 20.30 12.61
CA LYS B 11 38.62 20.42 13.78
C LYS B 11 38.59 19.16 14.64
N SER B 12 39.03 18.01 14.13
CA SER B 12 39.11 16.81 14.95
C SER B 12 40.54 16.38 15.27
N GLY B 13 41.55 17.11 14.79
CA GLY B 13 42.91 16.77 15.14
C GLY B 13 43.85 17.04 13.99
N LYS B 14 45.14 16.87 14.27
CA LYS B 14 46.17 17.14 13.27
C LYS B 14 46.31 15.98 12.29
N VAL B 15 46.61 16.33 11.04
CA VAL B 15 46.86 15.37 9.97
CA VAL B 15 46.88 15.35 10.00
C VAL B 15 48.17 15.74 9.30
N MET B 16 48.93 14.72 8.88
CA MET B 16 50.19 14.91 8.16
C MET B 16 50.07 14.23 6.80
N GLY B 17 50.05 15.02 5.74
CA GLY B 17 49.98 14.51 4.39
C GLY B 17 51.34 14.14 3.85
N THR B 18 51.40 13.98 2.53
CA THR B 18 52.59 13.50 1.86
C THR B 18 52.76 14.29 0.57
N ARG B 19 54.01 14.46 0.14
CA ARG B 19 54.31 15.14 -1.11
CA ARG B 19 54.32 15.14 -1.11
C ARG B 19 54.43 14.09 -2.21
N VAL B 20 53.55 14.19 -3.22
CA VAL B 20 53.53 13.16 -4.25
C VAL B 20 53.94 13.74 -5.60
N PRO B 21 54.67 12.98 -6.42
CA PRO B 21 55.00 13.47 -7.74
C PRO B 21 53.76 13.48 -8.63
N VAL B 22 53.67 14.47 -9.50
CA VAL B 22 52.63 14.48 -10.50
C VAL B 22 53.19 15.12 -11.76
N LEU B 23 53.27 14.35 -12.83
CA LEU B 23 53.87 14.80 -14.08
C LEU B 23 55.28 15.26 -13.72
N SER B 24 55.71 16.46 -14.08
CA SER B 24 57.06 16.90 -13.75
C SER B 24 57.12 17.72 -12.47
N SER B 25 56.04 17.75 -11.69
CA SER B 25 55.96 18.63 -10.53
C SER B 25 55.56 17.80 -9.30
N HIS B 26 55.01 18.49 -8.30
CA HIS B 26 54.61 17.84 -7.06
C HIS B 26 53.36 18.49 -6.53
N ILE B 27 52.62 17.73 -5.72
CA ILE B 27 51.38 18.17 -5.12
C ILE B 27 51.31 17.52 -3.74
N SER B 28 50.45 18.06 -2.86
CA SER B 28 50.27 17.51 -1.53
C SER B 28 49.07 16.58 -1.52
N ALA B 29 49.21 15.42 -0.87
CA ALA B 29 48.12 14.48 -0.73
C ALA B 29 47.90 14.16 0.74
N PHE B 30 46.63 14.15 1.14
CA PHE B 30 46.21 13.79 2.50
C PHE B 30 45.30 12.59 2.34
N LEU B 31 45.86 11.39 2.56
CA LEU B 31 45.15 10.16 2.26
C LEU B 31 44.62 9.51 3.54
N GLY B 32 43.37 9.09 3.51
CA GLY B 32 42.81 8.29 4.57
C GLY B 32 42.43 9.06 5.81
N ILE B 33 41.90 10.26 5.66
CA ILE B 33 41.46 11.06 6.81
C ILE B 33 40.11 10.54 7.27
N PRO B 34 39.94 10.20 8.54
CA PRO B 34 38.65 9.72 9.02
C PRO B 34 37.67 10.87 9.14
N PHE B 35 36.42 10.64 8.72
CA PHE B 35 35.38 11.64 8.90
C PHE B 35 34.23 11.10 9.73
N ALA B 36 34.27 9.83 10.11
CA ALA B 36 33.21 9.14 10.80
C ALA B 36 33.82 8.25 11.88
N GLU B 37 33.05 7.99 12.92
CA GLU B 37 33.37 6.86 13.79
C GLU B 37 33.26 5.56 12.99
N PRO B 38 34.17 4.61 13.19
CA PRO B 38 34.06 3.32 12.50
C PRO B 38 32.71 2.69 12.74
N PRO B 39 31.97 2.38 11.68
CA PRO B 39 30.60 1.86 11.84
C PRO B 39 30.59 0.35 12.08
N VAL B 40 31.16 -0.06 13.22
CA VAL B 40 31.39 -1.47 13.48
C VAL B 40 30.61 -1.91 14.72
N GLY B 41 30.43 -3.22 14.83
CA GLY B 41 29.76 -3.78 16.01
C GLY B 41 28.30 -3.39 16.05
N ASN B 42 27.88 -2.82 17.17
CA ASN B 42 26.49 -2.40 17.32
C ASN B 42 26.15 -1.18 16.47
N MET B 43 27.12 -0.63 15.74
CA MET B 43 26.89 0.48 14.83
C MET B 43 26.80 0.05 13.38
N ARG B 44 26.89 -1.24 13.10
CA ARG B 44 26.57 -1.72 11.75
C ARG B 44 25.10 -1.41 11.46
N PHE B 45 24.84 -0.85 10.28
CA PHE B 45 23.55 -0.44 9.74
C PHE B 45 23.07 0.88 10.32
N ARG B 46 23.76 1.43 11.31
CA ARG B 46 23.35 2.65 11.99
CA ARG B 46 23.33 2.66 11.97
C ARG B 46 23.84 3.88 11.22
N ARG B 47 23.13 4.99 11.42
CA ARG B 47 23.58 6.27 10.89
C ARG B 47 25.01 6.52 11.33
N PRO B 48 25.82 7.19 10.50
CA PRO B 48 27.19 7.50 10.93
C PRO B 48 27.20 8.51 12.07
N GLU B 49 28.23 8.43 12.89
CA GLU B 49 28.51 9.41 13.93
C GLU B 49 29.80 10.15 13.60
N PRO B 50 29.90 11.45 13.91
CA PRO B 50 31.14 12.18 13.61
C PRO B 50 32.33 11.54 14.28
N LYS B 51 33.48 11.65 13.62
CA LYS B 51 34.72 11.10 14.14
C LYS B 51 35.14 11.86 15.39
N LYS B 52 35.41 11.12 16.46
CA LYS B 52 35.78 11.77 17.71
C LYS B 52 37.20 12.35 17.59
N PRO B 53 37.45 13.52 18.18
CA PRO B 53 38.78 14.12 18.06
C PRO B 53 39.86 13.17 18.55
N TRP B 54 41.00 13.20 17.86
CA TRP B 54 42.15 12.40 18.25
C TRP B 54 43.30 13.31 18.65
N SER B 55 44.16 12.79 19.51
CA SER B 55 45.40 13.47 19.86
C SER B 55 46.51 12.95 18.96
N GLY B 56 47.62 13.66 18.94
CA GLY B 56 48.71 13.30 18.08
C GLY B 56 48.42 13.70 16.64
N VAL B 57 49.24 13.17 15.74
CA VAL B 57 49.19 13.52 14.32
C VAL B 57 48.70 12.29 13.55
N TRP B 58 47.58 12.44 12.83
CA TRP B 58 47.09 11.36 11.98
C TRP B 58 48.01 11.23 10.77
N ASN B 59 48.56 10.04 10.55
CA ASN B 59 49.44 9.82 9.42
C ASN B 59 48.56 9.64 8.19
N ALA B 60 48.47 10.66 7.35
CA ALA B 60 47.63 10.64 6.16
C ALA B 60 48.46 10.45 4.89
N SER B 61 49.44 9.55 4.94
CA SER B 61 50.32 9.35 3.80
C SER B 61 49.93 8.13 2.98
N THR B 62 48.97 7.33 3.45
CA THR B 62 48.60 6.11 2.75
C THR B 62 47.09 6.00 2.63
N TYR B 63 46.65 5.35 1.55
CA TYR B 63 45.23 5.17 1.32
C TYR B 63 44.59 4.38 2.46
N PRO B 64 43.31 4.60 2.73
CA PRO B 64 42.60 3.84 3.76
C PRO B 64 42.16 2.46 3.26
N ASN B 65 41.54 1.69 4.17
CA ASN B 65 40.85 0.47 3.78
C ASN B 65 39.66 0.81 2.88
N ASN B 66 39.25 -0.18 2.09
CA ASN B 66 38.01 -0.07 1.31
C ASN B 66 36.87 -0.70 2.10
N CYS B 67 35.64 -0.26 1.80
CA CYS B 67 34.48 -0.83 2.47
C CYS B 67 34.23 -2.27 2.01
N GLN B 68 33.61 -3.05 2.90
CA GLN B 68 33.27 -4.44 2.60
C GLN B 68 32.33 -4.53 1.40
N GLN B 69 32.67 -5.39 0.44
CA GLN B 69 31.86 -5.45 -0.77
C GLN B 69 32.11 -6.74 -1.51
N TYR B 70 31.13 -7.10 -2.33
CA TYR B 70 31.32 -8.12 -3.35
C TYR B 70 32.53 -7.78 -4.21
N VAL B 71 33.36 -8.78 -4.49
CA VAL B 71 34.54 -8.62 -5.32
C VAL B 71 34.33 -9.42 -6.61
N ASP B 72 34.51 -8.75 -7.75
CA ASP B 72 34.26 -9.33 -9.06
C ASP B 72 35.40 -10.27 -9.44
N GLU B 73 35.13 -11.57 -9.51
CA GLU B 73 36.11 -12.59 -9.88
CA GLU B 73 36.15 -12.53 -9.92
C GLU B 73 35.79 -13.22 -11.24
N GLN B 74 35.00 -12.56 -12.07
CA GLN B 74 34.60 -13.16 -13.34
C GLN B 74 35.79 -13.36 -14.26
N PHE B 75 36.71 -12.40 -14.28
CA PHE B 75 37.88 -12.45 -15.16
C PHE B 75 39.13 -12.28 -14.30
N PRO B 76 39.54 -13.34 -13.59
CA PRO B 76 40.69 -13.23 -12.68
C PRO B 76 41.92 -12.68 -13.38
N GLY B 77 42.51 -11.63 -12.81
CA GLY B 77 43.72 -11.05 -13.35
C GLY B 77 43.52 -10.09 -14.50
N PHE B 78 42.29 -9.93 -15.00
CA PHE B 78 42.03 -9.11 -16.17
C PHE B 78 41.90 -7.65 -15.76
N SER B 79 42.72 -6.78 -16.34
CA SER B 79 42.78 -5.40 -15.87
C SER B 79 41.45 -4.68 -16.04
N GLY B 80 40.69 -5.03 -17.09
CA GLY B 80 39.44 -4.33 -17.35
C GLY B 80 38.41 -4.46 -16.25
N SER B 81 38.41 -5.59 -15.54
CA SER B 81 37.52 -5.78 -14.41
C SER B 81 38.22 -5.56 -13.08
N GLU B 82 39.49 -5.96 -12.96
CA GLU B 82 40.21 -5.76 -11.71
C GLU B 82 40.38 -4.28 -11.37
N MET B 83 40.40 -3.40 -12.36
CA MET B 83 40.61 -1.98 -12.09
C MET B 83 39.50 -1.37 -11.24
N TRP B 84 38.36 -2.06 -11.12
CA TRP B 84 37.24 -1.58 -10.32
C TRP B 84 37.15 -2.25 -8.96
N ASN B 85 37.94 -3.29 -8.72
CA ASN B 85 37.87 -4.03 -7.48
C ASN B 85 38.64 -3.27 -6.40
N PRO B 86 38.35 -3.53 -5.13
CA PRO B 86 39.16 -2.92 -4.06
C PRO B 86 40.63 -3.23 -4.25
N ASN B 87 41.47 -2.20 -4.13
CA ASN B 87 42.91 -2.37 -4.20
C ASN B 87 43.55 -2.24 -2.83
N ARG B 88 42.74 -2.12 -1.79
CA ARG B 88 43.21 -2.07 -0.42
CA ARG B 88 43.19 -2.06 -0.41
C ARG B 88 42.45 -3.13 0.37
N GLU B 89 42.86 -3.35 1.62
CA GLU B 89 42.15 -4.31 2.45
C GLU B 89 40.72 -3.82 2.68
N MET B 90 39.77 -4.75 2.62
CA MET B 90 38.39 -4.42 2.94
C MET B 90 38.16 -4.48 4.44
N SER B 91 37.36 -3.53 4.94
CA SER B 91 37.04 -3.48 6.37
C SER B 91 35.77 -2.67 6.53
N GLU B 92 34.99 -3.01 7.57
CA GLU B 92 33.88 -2.14 7.92
C GLU B 92 34.39 -0.80 8.43
N ASP B 93 35.63 -0.74 8.93
CA ASP B 93 36.28 0.50 9.31
C ASP B 93 36.81 1.12 8.02
N CYS B 94 35.93 1.86 7.32
CA CYS B 94 36.27 2.35 5.98
C CYS B 94 35.80 3.77 5.69
N LEU B 95 35.38 4.55 6.69
CA LEU B 95 34.79 5.87 6.40
C LEU B 95 35.89 6.92 6.50
N TYR B 96 36.61 7.08 5.39
CA TYR B 96 37.74 7.98 5.26
C TYR B 96 37.61 8.77 3.97
N LEU B 97 38.34 9.88 3.89
CA LEU B 97 38.39 10.62 2.65
C LEU B 97 39.82 10.99 2.32
N ASN B 98 40.04 11.35 1.07
CA ASN B 98 41.35 11.68 0.54
C ASN B 98 41.31 13.06 -0.07
N ILE B 99 42.42 13.79 0.04
CA ILE B 99 42.49 15.16 -0.45
C ILE B 99 43.79 15.36 -1.23
N TRP B 100 43.69 15.95 -2.41
CA TRP B 100 44.84 16.43 -3.18
C TRP B 100 44.77 17.95 -3.24
N VAL B 101 45.89 18.59 -2.85
CA VAL B 101 45.96 20.04 -2.69
C VAL B 101 47.12 20.54 -3.53
N PRO B 102 46.90 21.48 -4.45
CA PRO B 102 48.01 22.04 -5.22
C PRO B 102 49.11 22.58 -4.32
N SER B 103 50.33 22.56 -4.83
CA SER B 103 51.48 23.08 -4.10
C SER B 103 52.16 24.18 -4.91
N PRO B 104 52.29 25.38 -4.33
CA PRO B 104 51.98 25.74 -2.93
C PRO B 104 50.49 25.79 -2.64
N ARG B 105 50.11 25.68 -1.37
CA ARG B 105 48.70 25.61 -1.02
C ARG B 105 47.99 26.88 -1.47
N PRO B 106 46.86 26.78 -2.17
CA PRO B 106 46.10 27.98 -2.55
C PRO B 106 45.42 28.61 -1.34
N LYS B 107 44.94 29.83 -1.54
CA LYS B 107 44.31 30.57 -0.46
C LYS B 107 42.88 30.10 -0.20
N SER B 108 42.04 30.08 -1.23
CA SER B 108 40.67 29.56 -1.09
C SER B 108 40.16 29.23 -2.49
N THR B 109 40.48 28.04 -2.96
CA THR B 109 40.21 27.67 -4.34
C THR B 109 39.02 26.72 -4.42
N THR B 110 38.57 26.50 -5.65
CA THR B 110 37.46 25.61 -5.92
C THR B 110 37.76 24.20 -5.41
N VAL B 111 36.73 23.57 -4.84
CA VAL B 111 36.79 22.20 -4.33
C VAL B 111 35.90 21.31 -5.18
N MET B 112 36.40 20.14 -5.53
CA MET B 112 35.60 19.11 -6.20
C MET B 112 35.64 17.86 -5.35
N VAL B 113 34.48 17.27 -5.09
CA VAL B 113 34.35 16.09 -4.22
C VAL B 113 33.79 14.94 -5.04
N TRP B 114 34.61 13.89 -5.19
CA TRP B 114 34.27 12.72 -6.00
C TRP B 114 33.50 11.71 -5.18
N ILE B 115 32.38 11.23 -5.72
CA ILE B 115 31.58 10.17 -5.11
C ILE B 115 31.61 8.98 -6.05
N TYR B 116 32.27 7.89 -5.64
CA TYR B 116 32.41 6.75 -6.53
C TYR B 116 31.08 6.05 -6.76
N GLY B 117 30.97 5.38 -7.91
CA GLY B 117 29.84 4.52 -8.19
C GLY B 117 30.17 3.07 -7.93
N GLY B 118 29.31 2.20 -8.46
CA GLY B 118 29.44 0.78 -8.17
C GLY B 118 28.12 0.16 -7.75
N GLY B 119 27.02 0.69 -8.27
CA GLY B 119 25.72 0.09 -8.03
C GLY B 119 25.24 0.12 -6.60
N PHE B 120 25.86 0.94 -5.75
CA PHE B 120 25.62 0.98 -4.31
C PHE B 120 26.01 -0.31 -3.60
N TYR B 121 26.62 -1.26 -4.32
CA TYR B 121 27.08 -2.49 -3.71
C TYR B 121 28.60 -2.64 -3.71
N SER B 122 29.31 -1.72 -4.36
CA SER B 122 30.76 -1.84 -4.51
C SER B 122 31.31 -0.44 -4.74
N GLY B 123 32.63 -0.35 -4.85
CA GLY B 123 33.24 0.94 -5.10
C GLY B 123 34.29 1.27 -4.05
N SER B 124 35.31 2.03 -4.45
CA SER B 124 36.41 2.41 -3.59
C SER B 124 36.89 3.80 -3.97
N SER B 125 37.30 4.58 -2.97
CA SER B 125 37.88 5.89 -3.26
C SER B 125 39.31 5.79 -3.79
N THR B 126 39.93 4.62 -3.68
CA THR B 126 41.37 4.45 -3.85
C THR B 126 41.76 3.84 -5.19
N LEU B 127 40.81 3.63 -6.10
CA LEU B 127 41.13 3.06 -7.39
C LEU B 127 42.15 3.94 -8.11
N ASP B 128 43.02 3.29 -8.88
CA ASP B 128 43.99 4.03 -9.71
C ASP B 128 43.28 5.05 -10.60
N VAL B 129 42.11 4.70 -11.13
CA VAL B 129 41.42 5.60 -12.04
C VAL B 129 40.79 6.79 -11.32
N TYR B 130 40.74 6.79 -9.98
CA TYR B 130 40.26 7.94 -9.24
C TYR B 130 41.38 8.75 -8.60
N ASN B 131 42.64 8.44 -8.94
CA ASN B 131 43.77 9.20 -8.43
C ASN B 131 43.59 10.69 -8.75
N GLY B 132 43.39 11.51 -7.72
CA GLY B 132 43.05 12.90 -7.94
C GLY B 132 44.18 13.83 -8.29
N LYS B 133 45.42 13.34 -8.38
CA LYS B 133 46.54 14.28 -8.45
C LYS B 133 46.62 14.98 -9.80
N TYR B 134 46.16 14.35 -10.88
CA TYR B 134 46.29 14.98 -12.19
C TYR B 134 45.32 16.13 -12.34
N LEU B 135 44.09 15.95 -11.85
CA LEU B 135 43.09 17.00 -11.97
C LEU B 135 43.39 18.14 -11.01
N ALA B 136 43.77 17.82 -9.77
CA ALA B 136 44.10 18.87 -8.81
C ALA B 136 45.29 19.70 -9.30
N TYR B 137 46.32 19.03 -9.82
CA TYR B 137 47.50 19.75 -10.31
C TYR B 137 47.18 20.55 -11.56
N THR B 138 46.53 19.93 -12.55
CA THR B 138 46.33 20.59 -13.84
C THR B 138 45.36 21.76 -13.73
N GLU B 139 44.29 21.61 -12.97
CA GLU B 139 43.27 22.64 -12.91
C GLU B 139 43.31 23.47 -11.63
N GLU B 140 44.32 23.25 -10.77
CA GLU B 140 44.49 24.01 -9.54
C GLU B 140 43.20 23.99 -8.72
N VAL B 141 42.68 22.79 -8.49
CA VAL B 141 41.53 22.61 -7.62
C VAL B 141 41.97 21.76 -6.44
N VAL B 142 41.22 21.86 -5.34
CA VAL B 142 41.35 20.93 -4.23
C VAL B 142 40.38 19.79 -4.49
N LEU B 143 40.91 18.58 -4.64
CA LEU B 143 40.14 17.41 -5.05
C LEU B 143 40.01 16.45 -3.88
N VAL B 144 38.77 16.18 -3.48
CA VAL B 144 38.45 15.27 -2.38
C VAL B 144 37.78 14.05 -2.99
N SER B 145 38.15 12.86 -2.52
CA SER B 145 37.32 11.69 -2.79
C SER B 145 36.84 11.15 -1.45
N LEU B 146 35.54 10.94 -1.34
CA LEU B 146 34.96 10.43 -0.10
C LEU B 146 34.76 8.93 -0.22
N SER B 147 34.26 8.32 0.85
CA SER B 147 33.85 6.92 0.81
C SER B 147 32.51 6.81 1.50
N TYR B 148 31.85 5.67 1.31
CA TYR B 148 30.56 5.44 1.95
C TYR B 148 30.28 3.95 1.95
N ARG B 149 29.55 3.50 2.98
CA ARG B 149 29.22 2.10 3.08
C ARG B 149 28.34 1.67 1.91
N VAL B 150 28.60 0.48 1.38
CA VAL B 150 27.86 -0.04 0.25
C VAL B 150 27.21 -1.37 0.66
N GLY B 151 26.33 -1.86 -0.21
CA GLY B 151 25.67 -3.13 0.07
C GLY B 151 24.77 -3.03 1.30
N ALA B 152 24.56 -4.18 1.94
CA ALA B 152 23.72 -4.22 3.14
C ALA B 152 24.25 -3.27 4.22
N PHE B 153 25.58 -3.17 4.34
CA PHE B 153 26.17 -2.32 5.37
C PHE B 153 25.75 -0.86 5.21
N GLY B 154 25.52 -0.43 3.98
CA GLY B 154 25.13 0.95 3.76
C GLY B 154 23.67 1.19 3.51
N PHE B 155 22.92 0.15 3.14
CA PHE B 155 21.57 0.42 2.64
C PHE B 155 20.52 -0.59 3.08
N LEU B 156 20.83 -1.49 4.03
CA LEU B 156 19.78 -2.28 4.66
C LEU B 156 18.74 -1.35 5.27
N ALA B 157 17.47 -1.57 4.92
CA ALA B 157 16.41 -0.61 5.23
C ALA B 157 15.24 -1.33 5.88
N LEU B 158 15.05 -1.08 7.17
CA LEU B 158 13.91 -1.59 7.93
C LEU B 158 13.18 -0.37 8.47
N HIS B 159 12.36 0.25 7.61
CA HIS B 159 11.76 1.54 7.95
C HIS B 159 10.95 1.44 9.24
N GLY B 160 11.11 2.46 10.09
CA GLY B 160 10.60 2.45 11.43
C GLY B 160 11.65 2.12 12.47
N SER B 161 12.64 1.32 12.10
CA SER B 161 13.77 1.08 12.99
C SER B 161 14.74 2.25 12.94
N GLN B 162 15.27 2.62 14.11
CA GLN B 162 16.36 3.59 14.17
C GLN B 162 17.72 2.92 14.21
N GLU B 163 17.77 1.59 14.31
CA GLU B 163 19.03 0.85 14.29
C GLU B 163 19.45 0.48 12.88
N ALA B 164 18.50 0.31 11.97
CA ALA B 164 18.79 0.05 10.55
C ALA B 164 17.76 0.81 9.73
N PRO B 165 17.86 2.15 9.70
CA PRO B 165 16.80 2.93 9.06
C PRO B 165 16.87 2.94 7.55
N GLY B 166 17.98 2.56 6.95
CA GLY B 166 18.18 2.73 5.52
C GLY B 166 18.89 4.03 5.21
N ASN B 167 19.46 4.09 4.01
CA ASN B 167 20.14 5.26 3.46
C ASN B 167 21.39 5.65 4.22
N VAL B 168 21.96 4.79 5.07
CA VAL B 168 23.06 5.29 5.89
C VAL B 168 24.31 5.53 5.05
N GLY B 169 24.46 4.82 3.93
CA GLY B 169 25.55 5.15 3.02
C GLY B 169 25.42 6.56 2.44
N LEU B 170 24.19 6.99 2.16
CA LEU B 170 24.01 8.37 1.74
C LEU B 170 24.34 9.34 2.88
N LEU B 171 24.04 8.95 4.13
CA LEU B 171 24.42 9.79 5.27
C LEU B 171 25.92 9.80 5.48
N ASP B 172 26.61 8.70 5.15
CA ASP B 172 28.07 8.71 5.14
C ASP B 172 28.58 9.76 4.18
N GLN B 173 28.05 9.77 2.95
CA GLN B 173 28.43 10.80 1.99
C GLN B 173 28.18 12.19 2.56
N ARG B 174 27.00 12.38 3.15
CA ARG B 174 26.66 13.69 3.70
C ARG B 174 27.61 14.07 4.83
N MET B 175 28.00 13.12 5.67
CA MET B 175 28.92 13.47 6.75
C MET B 175 30.29 13.85 6.22
N ALA B 176 30.72 13.21 5.12
CA ALA B 176 31.95 13.62 4.47
C ALA B 176 31.81 15.02 3.88
N LEU B 177 30.64 15.34 3.29
CA LEU B 177 30.41 16.70 2.79
C LEU B 177 30.40 17.71 3.94
N GLN B 178 29.79 17.35 5.06
CA GLN B 178 29.84 18.19 6.25
C GLN B 178 31.28 18.39 6.74
N TRP B 179 32.10 17.34 6.67
CA TRP B 179 33.50 17.48 7.06
C TRP B 179 34.22 18.46 6.14
N VAL B 180 33.97 18.35 4.83
CA VAL B 180 34.57 19.28 3.88
C VAL B 180 34.11 20.70 4.17
N HIS B 181 32.82 20.87 4.43
CA HIS B 181 32.27 22.17 4.77
C HIS B 181 33.00 22.77 5.97
N ASP B 182 33.28 21.96 6.97
CA ASP B 182 33.88 22.42 8.21
C ASP B 182 35.41 22.53 8.16
N ASN B 183 36.07 21.79 7.28
CA ASN B 183 37.53 21.66 7.36
C ASN B 183 38.30 22.01 6.10
N ILE B 184 37.66 22.07 4.92
CA ILE B 184 38.45 22.22 3.71
C ILE B 184 39.18 23.56 3.65
N GLN B 185 38.69 24.57 4.37
CA GLN B 185 39.40 25.86 4.42
C GLN B 185 40.81 25.70 4.95
N PHE B 186 41.07 24.68 5.76
CA PHE B 186 42.41 24.48 6.31
C PHE B 186 43.39 23.92 5.27
N PHE B 187 42.86 23.40 4.16
CA PHE B 187 43.65 22.87 3.06
C PHE B 187 43.64 23.79 1.85
N GLY B 188 43.19 25.02 2.01
CA GLY B 188 43.17 25.97 0.93
C GLY B 188 41.94 25.93 0.05
N GLY B 189 40.88 25.25 0.47
CA GLY B 189 39.67 25.14 -0.31
C GLY B 189 38.60 26.08 0.20
N ASP B 190 37.75 26.53 -0.74
CA ASP B 190 36.65 27.41 -0.40
C ASP B 190 35.41 26.56 -0.14
N PRO B 191 34.93 26.46 1.11
CA PRO B 191 33.73 25.66 1.37
C PRO B 191 32.47 26.21 0.72
N LYS B 192 32.50 27.44 0.21
CA LYS B 192 31.36 27.98 -0.53
C LYS B 192 31.38 27.64 -2.01
N THR B 193 32.42 26.97 -2.50
CA THR B 193 32.53 26.64 -3.91
C THR B 193 32.89 25.16 -4.05
N VAL B 194 32.04 24.30 -3.48
CA VAL B 194 32.24 22.85 -3.52
C VAL B 194 31.35 22.27 -4.61
N THR B 195 31.94 21.59 -5.57
CA THR B 195 31.22 20.81 -6.57
C THR B 195 31.30 19.34 -6.18
N ILE B 196 30.15 18.67 -6.11
CA ILE B 196 30.12 17.24 -5.94
C ILE B 196 29.96 16.61 -7.31
N PHE B 197 30.76 15.59 -7.61
CA PHE B 197 30.61 14.89 -8.87
C PHE B 197 30.77 13.40 -8.62
N GLY B 198 30.12 12.59 -9.46
CA GLY B 198 30.19 11.15 -9.30
C GLY B 198 29.65 10.50 -10.55
N GLU B 199 29.96 9.22 -10.69
CA GLU B 199 29.56 8.45 -11.86
C GLU B 199 28.71 7.26 -11.43
N SER B 200 27.71 6.94 -12.24
CA SER B 200 26.82 5.79 -12.05
C SER B 200 26.13 5.96 -10.70
N ALA B 201 26.27 5.03 -9.76
CA ALA B 201 25.65 5.22 -8.44
C ALA B 201 26.15 6.50 -7.78
N GLY B 202 27.39 6.90 -8.08
CA GLY B 202 27.87 8.18 -7.61
C GLY B 202 27.13 9.36 -8.22
N GLY B 203 26.72 9.23 -9.48
CA GLY B 203 25.93 10.28 -10.12
C GLY B 203 24.50 10.30 -9.59
N ALA B 204 23.91 9.12 -9.41
CA ALA B 204 22.64 9.04 -8.71
C ALA B 204 22.74 9.69 -7.33
N SER B 205 23.81 9.36 -6.58
CA SER B 205 24.01 9.96 -5.26
C SER B 205 24.04 11.47 -5.34
N VAL B 206 24.83 12.01 -6.27
CA VAL B 206 24.90 13.47 -6.44
C VAL B 206 23.51 14.05 -6.61
N GLY B 207 22.71 13.44 -7.48
CA GLY B 207 21.34 13.91 -7.67
C GLY B 207 20.49 13.74 -6.43
N MET B 208 20.77 12.72 -5.63
CA MET B 208 20.01 12.53 -4.40
C MET B 208 20.32 13.61 -3.37
N HIS B 209 21.56 14.11 -3.35
CA HIS B 209 21.89 15.22 -2.47
C HIS B 209 21.27 16.52 -2.97
N ILE B 210 21.14 16.67 -4.29
CA ILE B 210 20.39 17.79 -4.84
C ILE B 210 18.95 17.76 -4.34
N LEU B 211 18.33 16.58 -4.33
CA LEU B 211 16.96 16.46 -3.86
C LEU B 211 16.86 16.66 -2.34
N SER B 212 17.76 16.05 -1.57
CA SER B 212 17.55 15.93 -0.13
C SER B 212 17.78 17.25 0.61
N PRO B 213 16.78 17.76 1.35
CA PRO B 213 16.98 19.04 2.06
C PRO B 213 18.17 19.03 3.00
N GLY B 214 18.44 17.91 3.68
CA GLY B 214 19.55 17.81 4.60
C GLY B 214 20.93 17.88 3.95
N SER B 215 21.01 17.76 2.63
CA SER B 215 22.29 17.83 1.93
C SER B 215 22.53 19.14 1.20
N ARG B 216 21.47 19.90 0.90
CA ARG B 216 21.53 20.94 -0.13
C ARG B 216 22.56 22.02 0.20
N ASP B 217 22.71 22.37 1.47
CA ASP B 217 23.58 23.47 1.84
C ASP B 217 25.04 23.04 2.00
N LEU B 218 25.38 21.79 1.68
CA LEU B 218 26.74 21.30 1.83
C LEU B 218 27.52 21.27 0.53
N PHE B 219 27.02 21.91 -0.52
CA PHE B 219 27.78 22.00 -1.77
C PHE B 219 27.15 23.11 -2.60
N ARG B 220 27.90 23.55 -3.61
CA ARG B 220 27.51 24.67 -4.47
C ARG B 220 26.83 24.23 -5.75
N ARG B 221 27.40 23.24 -6.44
CA ARG B 221 26.87 22.79 -7.72
C ARG B 221 27.26 21.33 -7.92
N ALA B 222 26.83 20.74 -9.04
CA ALA B 222 26.88 19.29 -9.14
C ALA B 222 27.16 18.83 -10.55
N ILE B 223 27.88 17.71 -10.66
CA ILE B 223 28.15 17.02 -11.92
C ILE B 223 27.68 15.57 -11.79
N LEU B 224 26.90 15.10 -12.76
CA LEU B 224 26.38 13.74 -12.73
C LEU B 224 26.82 13.02 -13.99
N GLN B 225 27.57 11.93 -13.85
CA GLN B 225 28.06 11.17 -15.00
C GLN B 225 27.34 9.83 -15.04
N SER B 226 26.52 9.62 -16.08
CA SER B 226 25.91 8.31 -16.32
C SER B 226 25.15 7.80 -15.10
N GLY B 227 24.41 8.70 -14.46
CA GLY B 227 23.61 8.32 -13.32
C GLY B 227 22.74 9.49 -12.91
N SER B 228 21.56 9.19 -12.38
CA SER B 228 20.63 10.23 -11.94
C SER B 228 19.77 9.60 -10.86
N PRO B 229 19.16 10.40 -9.98
CA PRO B 229 18.54 9.83 -8.78
C PRO B 229 17.31 9.01 -9.05
N ASN B 230 16.64 9.23 -10.20
CA ASN B 230 15.42 8.53 -10.58
C ASN B 230 15.70 7.25 -11.37
N CYS B 231 16.96 6.85 -11.52
CA CYS B 231 17.26 5.60 -12.22
C CYS B 231 16.50 4.43 -11.60
N PRO B 232 16.03 3.48 -12.42
CA PRO B 232 15.17 2.41 -11.87
C PRO B 232 15.88 1.51 -10.89
N TRP B 233 17.20 1.40 -10.98
CA TRP B 233 18.02 0.61 -10.07
C TRP B 233 18.44 1.36 -8.83
N ALA B 234 18.22 2.67 -8.76
CA ALA B 234 18.91 3.47 -7.75
C ALA B 234 18.12 3.65 -6.46
N SER B 235 16.87 3.21 -6.40
CA SER B 235 16.10 3.27 -5.17
C SER B 235 15.03 2.20 -5.14
N VAL B 236 14.56 1.90 -3.93
CA VAL B 236 13.43 1.01 -3.70
C VAL B 236 12.47 1.68 -2.72
N SER B 237 11.24 1.17 -2.69
CA SER B 237 10.26 1.61 -1.69
C SER B 237 10.62 1.04 -0.32
N VAL B 238 10.00 1.61 0.72
CA VAL B 238 10.23 1.09 2.08
C VAL B 238 9.75 -0.34 2.18
N ALA B 239 8.65 -0.68 1.48
CA ALA B 239 8.14 -2.05 1.53
C ALA B 239 9.15 -3.01 0.91
N GLU B 240 9.72 -2.66 -0.24
CA GLU B 240 10.67 -3.55 -0.90
C GLU B 240 12.00 -3.61 -0.17
N GLY B 241 12.44 -2.50 0.43
CA GLY B 241 13.64 -2.54 1.24
C GLY B 241 13.47 -3.44 2.46
N ARG B 242 12.28 -3.39 3.07
CA ARG B 242 11.99 -4.28 4.19
C ARG B 242 11.96 -5.74 3.73
N ARG B 243 11.31 -6.02 2.60
CA ARG B 243 11.26 -7.39 2.10
C ARG B 243 12.66 -7.93 1.87
N ARG B 244 13.55 -7.11 1.31
CA ARG B 244 14.90 -7.58 1.02
C ARG B 244 15.72 -7.75 2.30
N ALA B 245 15.51 -6.88 3.29
CA ALA B 245 16.18 -7.06 4.56
C ALA B 245 15.70 -8.35 5.25
N VAL B 246 14.39 -8.60 5.22
CA VAL B 246 13.88 -9.81 5.84
C VAL B 246 14.38 -11.05 5.11
N GLU B 247 14.43 -11.00 3.78
CA GLU B 247 14.93 -12.13 3.00
C GLU B 247 16.42 -12.35 3.24
N LEU B 248 17.17 -11.28 3.51
CA LEU B 248 18.57 -11.45 3.87
C LEU B 248 18.69 -12.23 5.17
N GLY B 249 17.83 -11.93 6.15
CA GLY B 249 17.81 -12.70 7.39
C GLY B 249 17.37 -14.13 7.18
N ARG B 250 16.41 -14.34 6.27
CA ARG B 250 15.96 -15.70 5.97
C ARG B 250 17.10 -16.53 5.38
N ASN B 251 17.87 -15.95 4.45
CA ASN B 251 19.03 -16.61 3.89
C ASN B 251 20.11 -16.92 4.92
N LEU B 252 20.03 -16.35 6.12
CA LEU B 252 21.05 -16.58 7.13
C LEU B 252 20.48 -17.23 8.38
N ASN B 253 19.28 -17.82 8.29
CA ASN B 253 18.64 -18.50 9.41
C ASN B 253 18.49 -17.57 10.61
N CYS B 254 18.13 -16.32 10.33
CA CYS B 254 17.93 -15.32 11.37
C CYS B 254 16.52 -15.38 11.93
N ASN B 255 16.38 -14.97 13.18
CA ASN B 255 15.08 -14.75 13.78
C ASN B 255 14.39 -13.59 13.06
N LEU B 256 13.22 -13.85 12.48
CA LEU B 256 12.52 -12.86 11.69
C LEU B 256 11.30 -12.29 12.41
N ASN B 257 11.21 -12.48 13.73
CA ASN B 257 10.00 -12.10 14.43
C ASN B 257 9.87 -10.60 14.60
N SER B 258 11.00 -9.89 14.76
CA SER B 258 10.97 -8.45 14.95
C SER B 258 12.19 -7.81 14.30
N ASP B 259 12.12 -6.49 14.12
CA ASP B 259 13.28 -5.77 13.62
C ASP B 259 14.48 -5.90 14.56
N GLU B 260 14.24 -5.81 15.87
CA GLU B 260 15.34 -5.88 16.83
C GLU B 260 16.05 -7.22 16.74
N GLU B 261 15.30 -8.32 16.63
CA GLU B 261 15.91 -9.64 16.56
C GLU B 261 16.59 -9.88 15.22
N LEU B 262 15.97 -9.43 14.13
CA LEU B 262 16.58 -9.56 12.82
C LEU B 262 17.90 -8.80 12.78
N ILE B 263 17.87 -7.51 13.14
CA ILE B 263 19.07 -6.68 13.17
C ILE B 263 20.12 -7.30 14.09
N HIS B 264 19.71 -7.78 15.27
CA HIS B 264 20.68 -8.37 16.18
C HIS B 264 21.37 -9.57 15.52
N CYS B 265 20.60 -10.44 14.87
CA CYS B 265 21.17 -11.57 14.15
C CYS B 265 22.17 -11.12 13.09
N LEU B 266 21.77 -10.13 12.28
CA LEU B 266 22.63 -9.70 11.18
C LEU B 266 23.89 -9.02 11.67
N ARG B 267 23.84 -8.30 12.79
CA ARG B 267 25.04 -7.68 13.34
C ARG B 267 26.06 -8.69 13.84
N GLU B 268 25.64 -9.92 14.10
CA GLU B 268 26.55 -10.94 14.59
C GLU B 268 27.23 -11.71 13.48
N LYS B 269 26.83 -11.50 12.24
CA LYS B 269 27.46 -12.19 11.12
C LYS B 269 28.75 -11.50 10.73
N LYS B 270 29.72 -12.29 10.27
CA LYS B 270 30.89 -11.73 9.64
C LYS B 270 30.48 -11.00 8.36
N PRO B 271 31.21 -9.97 7.95
CA PRO B 271 30.79 -9.20 6.76
C PRO B 271 30.64 -10.07 5.52
N GLN B 272 31.54 -11.02 5.31
CA GLN B 272 31.49 -11.83 4.10
C GLN B 272 30.25 -12.73 4.09
N GLU B 273 29.73 -13.09 5.27
CA GLU B 273 28.51 -13.90 5.30
C GLU B 273 27.34 -13.15 4.70
N LEU B 274 27.23 -11.85 4.98
CA LEU B 274 26.17 -11.06 4.34
C LEU B 274 26.40 -10.96 2.84
N ILE B 275 27.63 -10.69 2.43
CA ILE B 275 27.93 -10.47 1.02
C ILE B 275 27.65 -11.72 0.21
N ASP B 276 27.92 -12.90 0.78
CA ASP B 276 27.74 -14.15 0.07
C ASP B 276 26.28 -14.41 -0.31
N VAL B 277 25.31 -13.83 0.41
CA VAL B 277 23.90 -14.04 0.10
C VAL B 277 23.22 -12.77 -0.38
N GLU B 278 23.97 -11.69 -0.56
CA GLU B 278 23.39 -10.38 -0.88
C GLU B 278 22.53 -10.44 -2.14
N TRP B 279 23.02 -11.08 -3.18
CA TRP B 279 22.29 -11.10 -4.44
C TRP B 279 21.03 -11.96 -4.39
N ASN B 280 20.88 -12.81 -3.36
CA ASN B 280 19.74 -13.72 -3.31
C ASN B 280 18.43 -13.00 -3.05
N VAL B 281 18.46 -11.77 -2.56
CA VAL B 281 17.24 -11.07 -2.17
C VAL B 281 16.60 -10.32 -3.31
N LEU B 282 17.23 -10.28 -4.48
CA LEU B 282 16.62 -9.59 -5.62
C LEU B 282 15.32 -10.27 -5.99
N PRO B 283 14.28 -9.50 -6.35
CA PRO B 283 12.98 -10.13 -6.66
C PRO B 283 13.02 -10.95 -7.94
N PHE B 284 13.80 -10.56 -8.93
CA PHE B 284 13.75 -11.20 -10.22
C PHE B 284 15.15 -11.45 -10.72
N ASP B 285 15.29 -12.47 -11.56
CA ASP B 285 16.49 -12.57 -12.38
C ASP B 285 16.58 -11.31 -13.22
N SER B 286 17.72 -10.63 -13.15
CA SER B 286 17.78 -9.32 -13.77
C SER B 286 19.23 -8.96 -14.03
N ILE B 287 19.40 -7.97 -14.89
CA ILE B 287 20.68 -7.28 -14.99
C ILE B 287 20.43 -5.82 -14.65
N PHE B 288 21.49 -5.15 -14.23
CA PHE B 288 21.40 -3.76 -13.80
C PHE B 288 20.37 -3.58 -12.67
N ARG B 289 20.33 -4.53 -11.75
CA ARG B 289 19.58 -4.39 -10.51
C ARG B 289 20.45 -4.82 -9.34
N PHE B 290 20.35 -4.08 -8.23
CA PHE B 290 21.23 -4.26 -7.08
C PHE B 290 20.39 -4.36 -5.81
N SER B 291 20.88 -5.14 -4.85
CA SER B 291 20.04 -5.58 -3.74
C SER B 291 19.75 -4.45 -2.75
N PHE B 292 20.78 -3.75 -2.29
CA PHE B 292 20.65 -2.80 -1.18
C PHE B 292 21.01 -1.42 -1.70
N VAL B 293 19.98 -0.60 -1.90
CA VAL B 293 20.11 0.72 -2.52
C VAL B 293 19.32 1.72 -1.69
N PRO B 294 19.43 3.02 -1.98
CA PRO B 294 18.63 4.01 -1.24
C PRO B 294 17.14 3.67 -1.21
N VAL B 295 16.50 4.05 -0.11
CA VAL B 295 15.08 3.82 0.09
C VAL B 295 14.35 5.16 0.14
N ILE B 296 13.17 5.22 -0.46
CA ILE B 296 12.35 6.45 -0.43
C ILE B 296 11.61 6.45 0.91
N ASP B 297 12.15 7.19 1.88
CA ASP B 297 11.85 6.95 3.28
C ASP B 297 10.98 8.02 3.94
N GLY B 298 10.73 9.14 3.28
CA GLY B 298 10.08 10.24 3.96
C GLY B 298 10.99 11.08 4.81
N GLU B 299 12.29 10.80 4.85
CA GLU B 299 13.20 11.58 5.67
C GLU B 299 14.35 12.13 4.83
N PHE B 300 15.28 11.28 4.39
CA PHE B 300 16.28 11.72 3.41
C PHE B 300 15.57 12.25 2.16
N PHE B 301 14.54 11.55 1.72
CA PHE B 301 13.69 12.00 0.63
C PHE B 301 12.31 12.31 1.19
N PRO B 302 11.93 13.58 1.34
CA PRO B 302 10.63 13.88 1.99
C PRO B 302 9.44 13.25 1.29
N THR B 303 9.42 13.24 -0.04
CA THR B 303 8.33 12.62 -0.80
C THR B 303 8.95 11.86 -1.97
N SER B 304 8.10 11.32 -2.84
CA SER B 304 8.57 10.58 -4.00
C SER B 304 9.50 11.46 -4.83
N LEU B 305 10.46 10.82 -5.50
CA LEU B 305 11.39 11.58 -6.33
C LEU B 305 10.66 12.33 -7.42
N GLU B 306 9.65 11.70 -8.03
CA GLU B 306 8.92 12.37 -9.10
C GLU B 306 8.15 13.58 -8.58
N SER B 307 7.53 13.47 -7.41
CA SER B 307 6.82 14.62 -6.87
C SER B 307 7.78 15.76 -6.53
N MET B 308 8.96 15.43 -6.00
CA MET B 308 9.95 16.46 -5.72
C MET B 308 10.43 17.13 -7.00
N LEU B 309 10.66 16.34 -8.06
CA LEU B 309 11.09 16.89 -9.34
C LEU B 309 10.02 17.79 -9.93
N ASN B 310 8.76 17.36 -9.83
CA ASN B 310 7.66 18.13 -10.41
C ASN B 310 7.46 19.44 -9.68
N SER B 311 7.58 19.43 -8.35
CA SER B 311 7.29 20.61 -7.55
C SER B 311 8.47 21.57 -7.44
N GLY B 312 9.64 21.21 -7.96
CA GLY B 312 10.80 22.04 -7.76
C GLY B 312 11.42 21.95 -6.38
N ASN B 313 11.09 20.88 -5.64
CA ASN B 313 11.59 20.68 -4.29
C ASN B 313 12.99 20.08 -4.37
N PHE B 314 13.96 20.92 -4.73
CA PHE B 314 15.34 20.48 -4.83
C PHE B 314 16.22 21.72 -4.86
N LYS B 315 17.52 21.49 -4.70
CA LYS B 315 18.49 22.59 -4.76
C LYS B 315 18.53 23.17 -6.16
N LYS B 316 18.38 24.48 -6.24
CA LYS B 316 18.38 25.20 -7.52
C LYS B 316 19.77 25.78 -7.74
N THR B 317 20.51 25.20 -8.66
CA THR B 317 21.88 25.62 -8.91
C THR B 317 22.21 25.26 -10.36
N GLN B 318 23.49 25.17 -10.68
CA GLN B 318 23.94 24.74 -12.00
C GLN B 318 24.31 23.27 -11.95
N ILE B 319 23.99 22.54 -13.01
CA ILE B 319 24.43 21.16 -13.13
C ILE B 319 25.06 20.93 -14.48
N LEU B 320 26.03 20.02 -14.51
CA LEU B 320 26.61 19.51 -15.74
C LEU B 320 26.50 18.00 -15.68
N LEU B 321 26.02 17.38 -16.76
CA LEU B 321 25.75 15.96 -16.65
C LEU B 321 25.72 15.35 -18.03
N GLY B 322 25.81 14.03 -18.09
CA GLY B 322 25.78 13.40 -19.39
C GLY B 322 25.91 11.91 -19.28
N VAL B 323 26.03 11.27 -20.45
CA VAL B 323 25.97 9.83 -20.60
C VAL B 323 27.01 9.38 -21.63
N ASN B 324 27.28 8.07 -21.63
CA ASN B 324 28.16 7.44 -22.60
C ASN B 324 27.32 6.71 -23.65
N LYS B 325 27.93 6.47 -24.80
CA LYS B 325 27.16 5.93 -25.92
C LYS B 325 26.64 4.52 -25.64
N ASP B 326 27.42 3.69 -24.94
CA ASP B 326 27.07 2.28 -24.80
C ASP B 326 27.03 1.87 -23.31
N GLU B 327 26.15 2.53 -22.56
CA GLU B 327 26.04 2.28 -21.13
C GLU B 327 25.72 0.81 -20.82
N GLY B 328 25.00 0.12 -21.70
CA GLY B 328 24.48 -1.18 -21.34
C GLY B 328 25.45 -2.34 -21.50
N SER B 329 26.53 -2.16 -22.26
CA SER B 329 27.29 -3.33 -22.74
C SER B 329 27.95 -4.09 -21.59
N PHE B 330 28.49 -3.38 -20.59
CA PHE B 330 29.13 -4.07 -19.47
C PHE B 330 28.14 -4.99 -18.77
N PHE B 331 26.90 -4.55 -18.60
CA PHE B 331 25.92 -5.33 -17.86
C PHE B 331 25.44 -6.54 -18.65
N LEU B 332 25.46 -6.45 -19.98
CA LEU B 332 25.08 -7.60 -20.80
C LEU B 332 26.17 -8.67 -20.76
N LEU B 333 27.43 -8.23 -20.88
CA LEU B 333 28.54 -9.16 -20.80
C LEU B 333 28.44 -10.03 -19.55
N TYR B 334 28.03 -9.42 -18.44
CA TYR B 334 28.02 -10.14 -17.18
C TYR B 334 26.74 -10.92 -16.93
N GLY B 335 25.61 -10.53 -17.53
CA GLY B 335 24.36 -11.15 -17.14
C GLY B 335 23.48 -11.76 -18.20
N ALA B 336 23.81 -11.60 -19.49
CA ALA B 336 22.84 -11.97 -20.53
C ALA B 336 23.37 -13.07 -21.45
N PRO B 337 22.53 -14.00 -21.87
CA PRO B 337 23.01 -15.11 -22.71
C PRO B 337 23.49 -14.64 -24.07
N GLY B 338 24.55 -15.28 -24.55
CA GLY B 338 25.11 -14.99 -25.85
C GLY B 338 26.24 -13.99 -25.87
N PHE B 339 26.48 -13.29 -24.76
CA PHE B 339 27.53 -12.28 -24.71
C PHE B 339 28.81 -12.86 -24.17
N SER B 340 29.93 -12.41 -24.75
CA SER B 340 31.23 -12.89 -24.32
C SER B 340 32.25 -11.79 -24.58
N LYS B 341 33.20 -11.69 -23.64
CA LYS B 341 34.33 -10.78 -23.77
C LYS B 341 35.22 -11.16 -24.95
N ASP B 342 35.22 -12.44 -25.34
CA ASP B 342 36.17 -12.95 -26.32
C ASP B 342 35.54 -13.25 -27.67
N SER B 343 34.39 -12.65 -27.96
CA SER B 343 33.77 -12.84 -29.25
C SER B 343 32.97 -11.60 -29.58
N GLU B 344 32.50 -11.53 -30.82
CA GLU B 344 31.69 -10.40 -31.25
C GLU B 344 30.28 -10.43 -30.68
N SER B 345 29.88 -11.53 -30.03
CA SER B 345 28.63 -11.58 -29.26
C SER B 345 27.41 -11.30 -30.12
N LYS B 346 27.39 -11.87 -31.34
CA LYS B 346 26.17 -11.80 -32.13
C LYS B 346 25.08 -12.58 -31.43
N ILE B 347 23.94 -11.94 -31.25
CA ILE B 347 22.86 -12.43 -30.42
C ILE B 347 21.78 -13.02 -31.32
N SER B 348 21.44 -14.28 -31.08
CA SER B 348 20.30 -14.91 -31.72
C SER B 348 19.01 -14.24 -31.29
N ARG B 349 17.96 -14.45 -32.09
CA ARG B 349 16.64 -13.96 -31.71
C ARG B 349 16.21 -14.51 -30.36
N GLU B 350 16.50 -15.78 -30.10
CA GLU B 350 16.11 -16.38 -28.83
C GLU B 350 16.82 -15.71 -27.66
N ASP B 351 18.12 -15.44 -27.81
CA ASP B 351 18.87 -14.80 -26.73
C ASP B 351 18.48 -13.32 -26.58
N PHE B 352 18.06 -12.69 -27.67
CA PHE B 352 17.54 -11.33 -27.58
C PHE B 352 16.30 -11.29 -26.67
N MET B 353 15.33 -12.18 -26.94
CA MET B 353 14.13 -12.22 -26.11
CA MET B 353 14.13 -12.21 -26.11
C MET B 353 14.46 -12.50 -24.65
N SER B 354 15.44 -13.37 -24.40
CA SER B 354 15.87 -13.62 -23.02
C SER B 354 16.47 -12.37 -22.40
N GLY B 355 17.28 -11.64 -23.17
CA GLY B 355 17.90 -10.43 -22.65
C GLY B 355 16.88 -9.35 -22.35
N VAL B 356 15.83 -9.25 -23.16
CA VAL B 356 14.80 -8.23 -22.90
C VAL B 356 14.16 -8.49 -21.55
N LYS B 357 13.82 -9.76 -21.29
CA LYS B 357 13.21 -10.13 -20.02
C LYS B 357 14.15 -9.83 -18.84
N LEU B 358 15.44 -10.10 -19.01
CA LEU B 358 16.40 -9.78 -17.95
C LEU B 358 16.58 -8.28 -17.80
N SER B 359 16.42 -7.52 -18.88
CA SER B 359 16.70 -6.09 -18.86
C SER B 359 15.53 -5.28 -18.29
N VAL B 360 14.31 -5.74 -18.46
CA VAL B 360 13.17 -5.01 -17.92
C VAL B 360 12.44 -5.98 -17.00
N PRO B 361 13.01 -6.33 -15.85
CA PRO B 361 12.48 -7.46 -15.08
C PRO B 361 11.11 -7.20 -14.49
N HIS B 362 10.73 -5.94 -14.31
CA HIS B 362 9.46 -5.60 -13.69
C HIS B 362 8.28 -5.64 -14.67
N ALA B 363 8.51 -5.91 -15.94
CA ALA B 363 7.49 -5.70 -16.97
C ALA B 363 6.60 -6.93 -17.15
N ASN B 364 5.31 -6.67 -17.36
CA ASN B 364 4.41 -7.74 -17.76
C ASN B 364 4.67 -8.12 -19.22
N ASP B 365 3.96 -9.14 -19.69
CA ASP B 365 4.19 -9.64 -21.05
C ASP B 365 3.89 -8.57 -22.09
N LEU B 366 2.85 -7.76 -21.86
CA LEU B 366 2.54 -6.66 -22.75
C LEU B 366 3.71 -5.67 -22.82
N GLY B 367 4.32 -5.36 -21.68
CA GLY B 367 5.45 -4.45 -21.69
C GLY B 367 6.66 -5.04 -22.40
N LEU B 368 6.89 -6.35 -22.22
CA LEU B 368 7.98 -7.01 -22.93
C LEU B 368 7.76 -6.95 -24.44
N ASP B 369 6.51 -7.20 -24.88
CA ASP B 369 6.19 -7.04 -26.30
C ASP B 369 6.46 -5.63 -26.79
N ALA B 370 6.12 -4.62 -25.99
CA ALA B 370 6.33 -3.23 -26.41
C ALA B 370 7.81 -2.93 -26.58
N VAL B 371 8.64 -3.34 -25.60
CA VAL B 371 10.08 -3.15 -25.70
C VAL B 371 10.63 -3.86 -26.93
N THR B 372 10.23 -5.12 -27.13
CA THR B 372 10.70 -5.88 -28.27
C THR B 372 10.37 -5.18 -29.58
N LEU B 373 9.12 -4.74 -29.73
CA LEU B 373 8.73 -4.11 -30.98
C LEU B 373 9.49 -2.82 -31.20
N GLN B 374 9.74 -2.08 -30.12
CA GLN B 374 10.42 -0.80 -30.26
C GLN B 374 11.87 -0.97 -30.72
N TYR B 375 12.51 -2.10 -30.40
CA TYR B 375 13.92 -2.28 -30.67
C TYR B 375 14.22 -3.38 -31.68
N THR B 376 13.21 -3.90 -32.39
CA THR B 376 13.42 -4.96 -33.35
C THR B 376 13.18 -4.45 -34.75
N ASP B 377 14.13 -4.71 -35.64
CA ASP B 377 13.96 -4.47 -37.08
C ASP B 377 13.34 -5.73 -37.65
N TRP B 378 12.03 -5.71 -37.89
CA TRP B 378 11.35 -6.91 -38.37
C TRP B 378 11.62 -7.21 -39.84
N MET B 379 12.33 -6.34 -40.56
CA MET B 379 12.84 -6.73 -41.86
C MET B 379 14.08 -7.60 -41.76
N ASP B 380 14.67 -7.71 -40.56
CA ASP B 380 16.01 -8.30 -40.43
C ASP B 380 16.20 -8.79 -38.99
N ASP B 381 15.24 -9.56 -38.49
CA ASP B 381 15.16 -9.88 -37.07
C ASP B 381 16.15 -10.95 -36.63
N ASN B 382 16.82 -11.63 -37.54
CA ASN B 382 17.83 -12.62 -37.20
C ASN B 382 19.24 -12.08 -37.31
N ASN B 383 19.37 -10.77 -37.56
CA ASN B 383 20.68 -10.13 -37.65
C ASN B 383 21.29 -10.09 -36.26
N GLY B 384 22.32 -10.91 -36.03
CA GLY B 384 22.90 -11.01 -34.70
C GLY B 384 23.55 -9.73 -34.22
N ILE B 385 24.07 -8.92 -35.14
CA ILE B 385 24.65 -7.65 -34.74
C ILE B 385 23.56 -6.66 -34.35
N LYS B 386 22.49 -6.60 -35.12
CA LYS B 386 21.38 -5.71 -34.75
C LYS B 386 20.75 -6.14 -33.43
N ASN B 387 20.62 -7.45 -33.21
CA ASN B 387 20.04 -7.93 -31.96
C ASN B 387 20.93 -7.57 -30.77
N ARG B 388 22.23 -7.73 -30.96
CA ARG B 388 23.20 -7.37 -29.93
C ARG B 388 23.13 -5.89 -29.61
N ASP B 389 23.24 -5.06 -30.64
CA ASP B 389 23.24 -3.61 -30.42
C ASP B 389 21.89 -3.12 -29.91
N GLY B 390 20.81 -3.78 -30.33
CA GLY B 390 19.48 -3.42 -29.81
C GLY B 390 19.36 -3.68 -28.32
N LEU B 391 19.86 -4.84 -27.87
CA LEU B 391 19.86 -5.15 -26.46
C LEU B 391 20.76 -4.18 -25.69
N ASP B 392 21.91 -3.85 -26.26
CA ASP B 392 22.79 -2.86 -25.66
C ASP B 392 22.05 -1.54 -25.47
N ASP B 393 21.32 -1.12 -26.50
CA ASP B 393 20.54 0.12 -26.39
C ASP B 393 19.44 0.02 -25.35
N ILE B 394 18.73 -1.12 -25.30
CA ILE B 394 17.67 -1.29 -24.32
C ILE B 394 18.21 -1.08 -22.91
N VAL B 395 19.31 -1.74 -22.59
CA VAL B 395 19.87 -1.67 -21.23
C VAL B 395 20.31 -0.24 -20.93
N GLY B 396 21.04 0.38 -21.86
CA GLY B 396 21.53 1.73 -21.60
C GLY B 396 20.42 2.77 -21.55
N ASP B 397 19.44 2.64 -22.46
CA ASP B 397 18.32 3.59 -22.49
C ASP B 397 17.47 3.48 -21.24
N HIS B 398 17.06 2.26 -20.89
CA HIS B 398 16.19 2.07 -19.74
C HIS B 398 16.89 2.45 -18.43
N ASN B 399 18.15 2.07 -18.26
CA ASN B 399 18.76 2.22 -16.95
C ASN B 399 19.52 3.52 -16.74
N VAL B 400 19.99 4.18 -17.80
CA VAL B 400 20.85 5.33 -17.62
C VAL B 400 20.34 6.52 -18.43
N ILE B 401 20.28 6.37 -19.76
CA ILE B 401 20.08 7.55 -20.60
C ILE B 401 18.70 8.15 -20.39
N CYS B 402 17.64 7.34 -20.51
CA CYS B 402 16.32 7.97 -20.43
C CYS B 402 15.98 8.45 -19.02
N PRO B 403 16.36 7.73 -17.95
CA PRO B 403 16.19 8.33 -16.62
C PRO B 403 16.93 9.65 -16.49
N LEU B 404 18.15 9.74 -17.02
CA LEU B 404 18.89 10.99 -16.90
C LEU B 404 18.24 12.10 -17.73
N MET B 405 17.68 11.75 -18.90
CA MET B 405 17.00 12.76 -19.71
C MET B 405 15.72 13.23 -19.03
N HIS B 406 15.03 12.35 -18.32
CA HIS B 406 13.86 12.76 -17.54
C HIS B 406 14.27 13.74 -16.45
N PHE B 407 15.35 13.42 -15.75
CA PHE B 407 15.87 14.30 -14.71
C PHE B 407 16.30 15.64 -15.30
N VAL B 408 17.05 15.60 -16.40
CA VAL B 408 17.53 16.81 -17.07
C VAL B 408 16.37 17.75 -17.37
N ASN B 409 15.31 17.20 -17.96
CA ASN B 409 14.20 18.04 -18.37
C ASN B 409 13.43 18.56 -17.17
N LYS B 410 13.23 17.73 -16.13
CA LYS B 410 12.58 18.23 -14.93
C LYS B 410 13.43 19.26 -14.21
N TYR B 411 14.73 19.00 -14.07
CA TYR B 411 15.60 19.91 -13.32
C TYR B 411 15.66 21.28 -13.98
N THR B 412 15.80 21.30 -15.32
CA THR B 412 16.05 22.54 -16.04
C THR B 412 14.89 23.52 -15.92
N LYS B 413 13.68 23.03 -15.60
CA LYS B 413 12.54 23.92 -15.44
C LYS B 413 12.73 24.86 -14.24
N PHE B 414 13.48 24.43 -13.24
CA PHE B 414 13.69 25.22 -12.02
C PHE B 414 15.13 25.62 -11.78
N GLY B 415 16.09 24.92 -12.37
CA GLY B 415 17.50 25.15 -12.07
C GLY B 415 18.01 26.46 -12.65
N ASN B 416 19.31 26.69 -12.41
CA ASN B 416 19.98 27.92 -12.79
C ASN B 416 21.04 27.69 -13.85
N GLY B 417 20.94 26.58 -14.59
CA GLY B 417 21.85 26.37 -15.70
C GLY B 417 22.22 24.91 -15.84
N THR B 418 21.94 24.34 -17.01
CA THR B 418 22.19 22.92 -17.28
C THR B 418 23.12 22.78 -18.48
N TYR B 419 24.12 21.92 -18.35
CA TYR B 419 25.03 21.59 -19.44
C TYR B 419 25.03 20.07 -19.60
N LEU B 420 24.73 19.60 -20.81
CA LEU B 420 24.51 18.19 -21.09
C LEU B 420 25.51 17.71 -22.13
N TYR B 421 26.11 16.53 -21.89
CA TYR B 421 27.08 15.97 -22.83
C TYR B 421 26.71 14.54 -23.22
N PHE B 422 27.28 14.11 -24.35
CA PHE B 422 27.18 12.74 -24.85
C PHE B 422 28.60 12.28 -25.15
N PHE B 423 29.17 11.45 -24.29
CA PHE B 423 30.54 10.97 -24.44
C PHE B 423 30.53 9.75 -25.34
N ASN B 424 31.17 9.84 -26.52
CA ASN B 424 31.13 8.70 -27.43
C ASN B 424 32.50 8.41 -28.03
N HIS B 425 33.55 8.61 -27.27
CA HIS B 425 34.89 8.27 -27.71
C HIS B 425 35.29 6.92 -27.12
N ARG B 426 35.64 5.97 -28.00
CA ARG B 426 36.20 4.70 -27.56
C ARG B 426 37.72 4.84 -27.46
N ALA B 427 38.27 4.58 -26.27
CA ALA B 427 39.69 4.81 -26.04
C ALA B 427 40.54 3.85 -26.88
N SER B 428 41.68 4.36 -27.37
CA SER B 428 42.53 3.60 -28.28
C SER B 428 43.10 2.35 -27.62
N ASN B 429 43.28 2.38 -26.30
CA ASN B 429 43.94 1.32 -25.56
C ASN B 429 42.97 0.50 -24.73
N LEU B 430 41.69 0.52 -25.06
CA LEU B 430 40.71 -0.24 -24.31
C LEU B 430 41.03 -1.72 -24.36
N VAL B 431 40.86 -2.41 -23.21
CA VAL B 431 41.12 -3.83 -23.15
C VAL B 431 39.88 -4.66 -23.40
N TRP B 432 38.72 -4.03 -23.45
CA TRP B 432 37.44 -4.68 -23.72
C TRP B 432 37.19 -4.80 -25.21
N PRO B 433 36.40 -5.77 -25.63
CA PRO B 433 36.18 -5.99 -27.06
C PRO B 433 35.40 -4.85 -27.72
N GLU B 434 35.53 -4.78 -29.05
CA GLU B 434 34.97 -3.68 -29.80
C GLU B 434 33.45 -3.60 -29.70
N TRP B 435 32.76 -4.75 -29.53
CA TRP B 435 31.29 -4.69 -29.52
C TRP B 435 30.76 -3.93 -28.31
N MET B 436 31.54 -3.83 -27.24
CA MET B 436 31.09 -3.12 -26.07
C MET B 436 31.13 -1.60 -26.25
N GLY B 437 31.86 -1.10 -27.23
CA GLY B 437 31.72 0.30 -27.61
C GLY B 437 32.28 1.25 -26.55
N VAL B 438 31.50 2.27 -26.22
CA VAL B 438 31.92 3.30 -25.27
C VAL B 438 31.26 2.95 -23.94
N ILE B 439 32.03 2.32 -23.06
CA ILE B 439 31.50 1.56 -21.95
C ILE B 439 31.17 2.46 -20.77
N HIS B 440 30.15 2.07 -20.00
CA HIS B 440 29.85 2.65 -18.71
C HIS B 440 31.13 2.82 -17.91
N GLY B 441 31.36 4.03 -17.40
CA GLY B 441 32.53 4.31 -16.59
C GLY B 441 33.81 4.67 -17.34
N TYR B 442 33.85 4.54 -18.67
CA TYR B 442 35.12 4.74 -19.35
C TYR B 442 35.32 6.19 -19.78
N GLU B 443 34.43 7.09 -19.38
CA GLU B 443 34.78 8.50 -19.40
C GLU B 443 35.58 8.92 -18.17
N ILE B 444 35.59 8.11 -17.12
CA ILE B 444 36.21 8.53 -15.85
C ILE B 444 37.70 8.78 -16.04
N GLU B 445 38.38 7.90 -16.78
CA GLU B 445 39.82 8.07 -16.96
C GLU B 445 40.14 9.37 -17.68
N PHE B 446 39.20 9.89 -18.48
CA PHE B 446 39.42 11.19 -19.10
C PHE B 446 39.19 12.33 -18.12
N VAL B 447 38.15 12.22 -17.28
CA VAL B 447 37.88 13.24 -16.27
C VAL B 447 39.06 13.36 -15.30
N PHE B 448 39.73 12.24 -14.98
CA PHE B 448 40.81 12.27 -14.00
C PHE B 448 42.18 12.40 -14.64
N GLY B 449 42.25 12.53 -15.96
CA GLY B 449 43.48 12.93 -16.62
C GLY B 449 44.49 11.83 -16.84
N LEU B 450 44.09 10.56 -16.76
CA LEU B 450 45.01 9.48 -17.06
C LEU B 450 45.67 9.60 -18.44
N PRO B 451 45.01 10.10 -19.48
CA PRO B 451 45.71 10.24 -20.77
C PRO B 451 46.89 11.18 -20.73
N LEU B 452 47.06 11.98 -19.68
CA LEU B 452 48.24 12.82 -19.54
C LEU B 452 49.49 12.02 -19.16
N VAL B 453 49.34 10.75 -18.81
CA VAL B 453 50.46 9.91 -18.39
C VAL B 453 50.98 9.14 -19.61
N LYS B 454 52.19 9.49 -20.06
CA LYS B 454 52.76 8.88 -21.26
C LYS B 454 52.73 7.36 -21.22
N GLU B 455 53.07 6.78 -20.06
CA GLU B 455 53.21 5.33 -19.95
C GLU B 455 51.91 4.58 -20.22
N LEU B 456 50.76 5.24 -20.09
CA LEU B 456 49.49 4.57 -20.34
C LEU B 456 49.15 4.45 -21.82
N ASN B 457 49.92 5.10 -22.70
CA ASN B 457 49.84 4.91 -24.14
C ASN B 457 48.49 5.33 -24.72
N TYR B 458 47.96 6.45 -24.24
CA TYR B 458 46.89 7.11 -24.97
C TYR B 458 47.46 7.91 -26.13
N THR B 459 46.61 8.23 -27.11
CA THR B 459 47.05 9.05 -28.23
C THR B 459 47.18 10.50 -27.81
N ALA B 460 47.85 11.30 -28.66
CA ALA B 460 47.91 12.73 -28.40
C ALA B 460 46.54 13.36 -28.43
N GLU B 461 45.65 12.90 -29.33
CA GLU B 461 44.31 13.49 -29.36
C GLU B 461 43.53 13.11 -28.11
N GLU B 462 43.81 11.94 -27.52
CA GLU B 462 43.14 11.57 -26.28
C GLU B 462 43.66 12.39 -25.10
N GLU B 463 44.96 12.72 -25.10
CA GLU B 463 45.44 13.67 -24.10
C GLU B 463 44.75 15.02 -24.23
N ALA B 464 44.56 15.50 -25.47
CA ALA B 464 43.90 16.78 -25.64
C ALA B 464 42.46 16.72 -25.17
N LEU B 465 41.78 15.59 -25.44
CA LEU B 465 40.40 15.42 -24.99
C LEU B 465 40.33 15.40 -23.47
N SER B 466 41.27 14.70 -22.83
CA SER B 466 41.31 14.70 -21.36
C SER B 466 41.51 16.10 -20.81
N ARG B 467 42.47 16.85 -21.35
CA ARG B 467 42.69 18.23 -20.87
C ARG B 467 41.46 19.09 -21.08
N ARG B 468 40.77 18.87 -22.22
CA ARG B 468 39.54 19.63 -22.50
CA ARG B 468 39.55 19.63 -22.50
C ARG B 468 38.47 19.31 -21.48
N ILE B 469 38.29 18.02 -21.16
CA ILE B 469 37.25 17.60 -20.22
C ILE B 469 37.57 18.07 -18.81
N MET B 470 38.82 17.88 -18.37
CA MET B 470 39.19 18.35 -17.04
C MET B 470 38.94 19.85 -16.93
N HIS B 471 39.22 20.60 -17.99
CA HIS B 471 39.05 22.04 -17.91
C HIS B 471 37.57 22.43 -17.93
N TYR B 472 36.75 21.73 -18.73
CA TYR B 472 35.30 21.94 -18.65
C TYR B 472 34.79 21.69 -17.24
N TRP B 473 35.14 20.53 -16.66
CA TRP B 473 34.68 20.17 -15.33
C TRP B 473 35.12 21.19 -14.29
N ALA B 474 36.39 21.56 -14.29
CA ALA B 474 36.89 22.47 -13.27
C ALA B 474 36.43 23.90 -13.49
N THR B 475 36.31 24.33 -14.75
CA THR B 475 35.76 25.66 -15.00
C THR B 475 34.29 25.70 -14.60
N PHE B 476 33.54 24.63 -14.88
CA PHE B 476 32.18 24.55 -14.35
C PHE B 476 32.18 24.60 -12.82
N ALA B 477 33.06 23.82 -12.18
CA ALA B 477 33.09 23.83 -10.73
C ALA B 477 33.39 25.23 -10.19
N LYS B 478 34.30 25.95 -10.83
CA LYS B 478 34.68 27.27 -10.35
C LYS B 478 33.60 28.34 -10.61
N THR B 479 32.85 28.22 -11.72
CA THR B 479 32.02 29.32 -12.18
C THR B 479 30.58 28.98 -12.47
N GLY B 480 30.21 27.70 -12.54
CA GLY B 480 28.89 27.32 -12.99
C GLY B 480 28.75 27.26 -14.49
N ASN B 481 29.83 27.40 -15.23
CA ASN B 481 29.83 27.44 -16.70
C ASN B 481 31.10 26.73 -17.14
N PRO B 482 31.00 25.65 -17.93
CA PRO B 482 32.22 24.96 -18.37
C PRO B 482 33.02 25.77 -19.36
N ASN B 483 32.43 26.80 -19.96
CA ASN B 483 33.10 27.64 -20.92
C ASN B 483 33.83 28.76 -20.21
N GLU B 484 35.02 29.08 -20.70
CA GLU B 484 35.68 30.33 -20.32
C GLU B 484 35.22 31.40 -21.31
N PRO B 485 34.38 32.35 -20.89
CA PRO B 485 34.04 33.46 -21.81
C PRO B 485 35.29 34.25 -22.17
N HIS B 486 35.16 35.06 -23.22
CA HIS B 486 36.24 35.79 -23.87
C HIS B 486 37.23 34.88 -24.58
N SER B 487 37.07 33.56 -24.49
CA SER B 487 37.90 32.64 -25.24
C SER B 487 37.31 32.40 -26.61
N GLN B 488 38.16 31.95 -27.54
CA GLN B 488 37.73 31.66 -28.90
C GLN B 488 37.58 30.17 -29.15
N GLU B 489 37.52 29.36 -28.09
CA GLU B 489 37.17 27.96 -28.26
C GLU B 489 35.67 27.84 -28.51
N SER B 490 35.28 26.71 -29.11
CA SER B 490 33.86 26.43 -29.33
C SER B 490 33.12 26.41 -27.99
N LYS B 491 31.94 27.00 -27.97
CA LYS B 491 31.19 27.13 -26.72
C LYS B 491 30.20 25.99 -26.57
N TRP B 492 30.18 25.40 -25.37
CA TRP B 492 29.20 24.41 -24.93
C TRP B 492 27.93 25.14 -24.52
N PRO B 493 26.83 25.00 -25.26
CA PRO B 493 25.64 25.80 -24.95
C PRO B 493 24.85 25.24 -23.78
N LEU B 494 24.19 26.16 -23.06
CA LEU B 494 23.19 25.78 -22.09
C LEU B 494 22.14 24.86 -22.70
N PHE B 495 21.82 23.79 -21.96
CA PHE B 495 20.60 23.01 -22.22
C PHE B 495 19.40 23.80 -21.74
N THR B 496 18.45 24.08 -22.64
CA THR B 496 17.24 24.80 -22.29
C THR B 496 16.02 23.93 -22.53
N THR B 497 14.94 24.23 -21.81
CA THR B 497 13.70 23.48 -22.00
C THR B 497 13.26 23.49 -23.45
N LYS B 498 13.43 24.62 -24.14
CA LYS B 498 12.96 24.70 -25.52
C LYS B 498 13.89 23.99 -26.49
N GLU B 499 15.18 24.32 -26.47
CA GLU B 499 16.08 23.86 -27.52
C GLU B 499 16.81 22.57 -27.18
N GLN B 500 16.99 22.25 -25.91
CA GLN B 500 17.46 20.94 -25.45
C GLN B 500 18.79 20.54 -26.09
N LYS B 501 19.70 21.49 -26.17
CA LYS B 501 21.00 21.29 -26.81
C LYS B 501 21.95 20.52 -25.90
N PHE B 502 22.78 19.68 -26.52
CA PHE B 502 23.87 19.01 -25.85
C PHE B 502 25.04 18.94 -26.81
N ILE B 503 26.21 18.55 -26.29
CA ILE B 503 27.38 18.37 -27.13
C ILE B 503 27.83 16.92 -27.10
N ASP B 504 28.45 16.50 -28.19
CA ASP B 504 29.26 15.29 -28.17
C ASP B 504 30.60 15.62 -27.53
N LEU B 505 31.09 14.70 -26.70
CA LEU B 505 32.44 14.78 -26.15
C LEU B 505 33.27 13.69 -26.82
N ASN B 506 34.23 14.09 -27.64
CA ASN B 506 35.10 13.12 -28.31
C ASN B 506 36.28 13.92 -28.88
N THR B 507 37.12 13.27 -29.68
CA THR B 507 38.34 13.93 -30.17
C THR B 507 38.10 14.83 -31.37
N GLU B 508 36.88 14.89 -31.88
CA GLU B 508 36.60 15.74 -33.03
C GLU B 508 36.16 17.12 -32.58
N PRO B 509 36.23 18.12 -33.47
CA PRO B 509 35.64 19.42 -33.16
C PRO B 509 34.21 19.28 -32.64
N MET B 510 33.86 20.18 -31.72
CA MET B 510 32.58 20.09 -31.02
C MET B 510 31.41 20.09 -32.00
N LYS B 511 30.43 19.22 -31.73
CA LYS B 511 29.16 19.25 -32.42
C LYS B 511 28.06 19.48 -31.40
N VAL B 512 27.13 20.36 -31.73
CA VAL B 512 25.95 20.62 -30.92
C VAL B 512 24.78 19.87 -31.54
N HIS B 513 24.03 19.15 -30.71
CA HIS B 513 22.82 18.45 -31.15
C HIS B 513 21.66 18.86 -30.26
N GLN B 514 20.47 18.37 -30.59
CA GLN B 514 19.29 18.61 -29.78
C GLN B 514 18.55 17.31 -29.51
N ARG B 515 17.90 17.25 -28.34
CA ARG B 515 16.96 16.19 -27.99
C ARG B 515 17.65 14.81 -27.98
N LEU B 516 18.54 14.66 -26.99
CA LEU B 516 19.30 13.43 -26.86
C LEU B 516 18.38 12.21 -26.73
N ARG B 517 18.51 11.27 -27.69
CA ARG B 517 17.73 10.03 -27.74
CA ARG B 517 17.74 10.03 -27.67
C ARG B 517 16.25 10.27 -27.41
N VAL B 518 15.70 11.32 -28.00
CA VAL B 518 14.34 11.72 -27.65
C VAL B 518 13.33 10.62 -27.98
N GLN B 519 13.53 9.92 -29.11
CA GLN B 519 12.52 8.95 -29.55
C GLN B 519 12.42 7.80 -28.56
N MET B 520 13.55 7.19 -28.21
CA MET B 520 13.46 6.09 -27.27
C MET B 520 13.06 6.58 -25.88
N CYS B 521 13.42 7.79 -25.53
CA CYS B 521 13.09 8.20 -24.18
C CYS B 521 11.62 8.60 -24.04
N VAL B 522 10.94 8.98 -25.13
CA VAL B 522 9.49 9.06 -25.03
C VAL B 522 8.93 7.69 -24.69
N PHE B 523 9.50 6.63 -25.28
CA PHE B 523 9.03 5.28 -25.00
C PHE B 523 9.25 4.92 -23.53
N TRP B 524 10.48 5.13 -23.04
CA TRP B 524 10.79 4.70 -21.67
C TRP B 524 10.14 5.59 -20.62
N ASN B 525 10.02 6.89 -20.89
CA ASN B 525 9.60 7.82 -19.85
C ASN B 525 8.10 8.11 -19.86
N GLN B 526 7.46 8.01 -21.01
CA GLN B 526 6.02 8.29 -21.08
C GLN B 526 5.19 7.06 -21.40
N PHE B 527 5.51 6.33 -22.47
CA PHE B 527 4.58 5.31 -22.93
C PHE B 527 4.67 4.03 -22.10
N LEU B 528 5.87 3.48 -21.91
CA LEU B 528 5.96 2.22 -21.18
C LEU B 528 5.41 2.32 -19.76
N PRO B 529 5.70 3.38 -18.97
CA PRO B 529 5.09 3.45 -17.63
C PRO B 529 3.56 3.46 -17.67
N LYS B 530 2.98 4.15 -18.65
CA LYS B 530 1.53 4.13 -18.81
C LYS B 530 1.05 2.73 -19.15
N LEU B 531 1.76 2.03 -20.02
CA LEU B 531 1.39 0.66 -20.36
C LEU B 531 1.44 -0.24 -19.13
N LEU B 532 2.52 -0.11 -18.34
CA LEU B 532 2.67 -0.97 -17.16
C LEU B 532 1.67 -0.61 -16.06
N ASN B 533 1.30 0.67 -15.97
CA ASN B 533 0.29 1.09 -15.00
C ASN B 533 -1.10 0.57 -15.39
N ALA B 534 -1.37 0.43 -16.68
CA ALA B 534 -2.67 -0.04 -17.13
C ALA B 534 -2.86 -1.52 -16.79
#